data_5FYE
#
_entry.id   5FYE
#
_cell.length_a   64.290
_cell.length_b   154.420
_cell.length_c   134.620
_cell.angle_alpha   90.00
_cell.angle_beta   92.30
_cell.angle_gamma   90.00
#
_symmetry.space_group_name_H-M   'C 1 2 1'
#
loop_
_entity.id
_entity.type
_entity.pdbx_description
1 polymer 'GLUCOSE-1-PHOSPHATE THYMIDYLYLTRANSFERASE'
2 non-polymer N-(6-Amino-1-(3-fluorobenzyl)-2,4-dioxo-1,2,3,4-tetrahydropyrimidin-5-yl)-N-methylbenzenesulfonamide
3 non-polymer '2-(N-MORPHOLINO)-ETHANESULFONIC ACID'
4 non-polymer 'CHLORIDE ION'
5 water water
#
_entity_poly.entity_id   1
_entity_poly.type   'polypeptide(L)'
_entity_poly.pdbx_seq_one_letter_code
;HHHHHHGSMAMKRKGIILAGGSGTRLHPATLAISKQLLPVYDKPMIYYPLSTLMLAGIREILIISTPQDTPRFQQLLGDG
SNWGLDLQYAVQPSPDGLAQAFLIGESFIGNDLSALVLGDNLYYGHDFHELLGSASQRQTGASVFAYHVLDPERYGVVEF
DQGGKAISLEEKPLEPKSNYAVTGLYFYDQQVVDIARDLKPSPRGELEITDVNRAYLERGQLSVEIMGRGYAWLDTGTHD
SLLEAGQFIATLENRQGLKVACPEEIAYRQKWIDAAQLEKLAAPLAKNGYGQYLKRLLTETVY
;
_entity_poly.pdbx_strand_id   A,B,C,D
#
loop_
_chem_comp.id
_chem_comp.type
_chem_comp.name
_chem_comp.formula
CL non-polymer 'CHLORIDE ION' 'Cl -1'
LD6 non-polymer N-(6-Amino-1-(3-fluorobenzyl)-2,4-dioxo-1,2,3,4-tetrahydropyrimidin-5-yl)-N-methylbenzenesulfonamide 'C18 H17 F N4 O4 S'
MES non-polymer '2-(N-MORPHOLINO)-ETHANESULFONIC ACID' 'C6 H13 N O4 S'
#
# COMPACT_ATOMS: atom_id res chain seq x y z
N HIS A 3 35.34 -11.78 -4.61
CA HIS A 3 35.74 -11.32 -3.24
C HIS A 3 35.24 -12.23 -2.11
N HIS A 4 35.81 -12.01 -0.95
CA HIS A 4 35.54 -12.92 0.16
C HIS A 4 34.20 -12.68 0.92
N HIS A 5 33.45 -13.75 1.18
CA HIS A 5 32.27 -13.76 2.07
C HIS A 5 32.65 -14.45 3.39
N HIS A 6 31.91 -14.23 4.46
CA HIS A 6 32.30 -14.83 5.76
C HIS A 6 31.24 -15.77 6.42
N LYS A 12 18.14 -19.28 8.55
CA LYS A 12 17.08 -18.23 8.53
C LYS A 12 16.22 -18.06 7.23
N ARG A 13 14.91 -17.96 7.43
CA ARG A 13 13.98 -18.25 6.34
C ARG A 13 12.94 -17.16 6.12
N LYS A 14 12.81 -16.70 4.87
CA LYS A 14 11.87 -15.63 4.52
C LYS A 14 10.71 -16.19 3.81
N GLY A 15 9.60 -15.50 3.94
CA GLY A 15 8.34 -15.95 3.34
C GLY A 15 7.86 -15.15 2.16
N ILE A 16 7.18 -15.82 1.23
CA ILE A 16 6.48 -15.16 0.12
C ILE A 16 5.07 -15.72 0.03
N ILE A 17 4.11 -14.81 0.04
CA ILE A 17 2.71 -15.17 -0.23
C ILE A 17 2.39 -14.68 -1.62
N LEU A 18 2.06 -15.60 -2.50
CA LEU A 18 1.65 -15.20 -3.86
C LEU A 18 0.12 -15.07 -3.87
N ALA A 19 -0.34 -13.81 -3.93
CA ALA A 19 -1.74 -13.44 -3.90
C ALA A 19 -2.04 -12.69 -5.18
N GLY A 20 -1.88 -13.42 -6.27
CA GLY A 20 -1.99 -12.90 -7.57
C GLY A 20 -3.39 -12.75 -8.15
N GLY A 21 -3.35 -12.45 -9.46
CA GLY A 21 -4.53 -12.38 -10.27
C GLY A 21 -5.00 -13.82 -10.43
N SER A 22 -6.27 -14.09 -10.07
CA SER A 22 -6.90 -15.42 -10.29
C SER A 22 -7.57 -15.50 -11.71
N GLY A 23 -7.10 -14.66 -12.62
CA GLY A 23 -7.70 -14.49 -13.93
C GLY A 23 -9.17 -14.14 -13.84
N THR A 24 -9.91 -14.51 -14.88
CA THR A 24 -11.35 -14.32 -14.97
C THR A 24 -12.14 -15.55 -14.47
N ARG A 25 -11.48 -16.57 -13.94
CA ARG A 25 -12.17 -17.84 -13.61
C ARG A 25 -13.36 -17.73 -12.60
N LEU A 26 -13.26 -16.81 -11.65
CA LEU A 26 -14.29 -16.58 -10.61
C LEU A 26 -15.11 -15.32 -10.84
N HIS A 27 -14.96 -14.72 -12.03
CA HIS A 27 -15.77 -13.59 -12.42
C HIS A 27 -17.20 -14.06 -12.55
N PRO A 28 -18.15 -13.22 -12.13
CA PRO A 28 -17.94 -11.82 -11.75
C PRO A 28 -17.74 -11.52 -10.27
N ALA A 29 -17.83 -12.51 -9.39
CA ALA A 29 -17.49 -12.33 -7.94
C ALA A 29 -16.16 -11.57 -7.72
N THR A 30 -15.15 -11.92 -8.51
CA THR A 30 -13.85 -11.31 -8.44
C THR A 30 -13.58 -10.06 -9.33
N LEU A 31 -14.56 -9.58 -10.08
CA LEU A 31 -14.39 -8.28 -10.76
C LEU A 31 -14.10 -7.11 -9.80
N ALA A 32 -14.82 -7.06 -8.68
CA ALA A 32 -14.63 -5.95 -7.74
C ALA A 32 -13.32 -6.00 -6.93
N ILE A 33 -12.89 -7.21 -6.55
CA ILE A 33 -11.71 -7.40 -5.69
C ILE A 33 -11.06 -8.73 -5.91
N SER A 34 -9.76 -8.80 -5.67
CA SER A 34 -9.07 -10.08 -5.80
C SER A 34 -9.50 -11.09 -4.76
N LYS A 35 -9.34 -12.32 -5.20
CA LYS A 35 -9.80 -13.51 -4.54
C LYS A 35 -9.30 -13.57 -3.11
N GLN A 36 -8.06 -13.14 -2.91
CA GLN A 36 -7.36 -13.34 -1.61
C GLN A 36 -7.72 -12.33 -0.54
N LEU A 37 -8.60 -11.38 -0.88
CA LEU A 37 -9.33 -10.54 0.10
C LEU A 37 -10.74 -10.96 0.39
N LEU A 38 -11.27 -11.93 -0.36
CA LEU A 38 -12.60 -12.51 -0.07
C LEU A 38 -12.53 -13.26 1.22
N PRO A 39 -13.52 -13.10 2.06
CA PRO A 39 -13.37 -13.78 3.34
C PRO A 39 -13.65 -15.27 3.19
N VAL A 40 -13.02 -16.04 4.07
CA VAL A 40 -13.42 -17.39 4.31
C VAL A 40 -13.98 -17.28 5.69
N TYR A 41 -15.30 -17.33 5.74
CA TYR A 41 -16.05 -17.14 6.97
C TYR A 41 -15.84 -15.73 7.55
N ASP A 42 -15.08 -15.60 8.62
CA ASP A 42 -15.04 -14.36 9.40
C ASP A 42 -13.78 -13.51 9.13
N LYS A 43 -12.84 -14.04 8.31
CA LYS A 43 -11.63 -13.33 8.03
C LYS A 43 -11.17 -13.43 6.57
N PRO A 44 -10.37 -12.47 6.12
CA PRO A 44 -9.94 -12.47 4.74
C PRO A 44 -9.07 -13.68 4.41
N MET A 45 -9.18 -14.14 3.17
CA MET A 45 -8.48 -15.35 2.75
C MET A 45 -7.02 -15.33 3.10
N ILE A 46 -6.38 -14.18 2.87
CA ILE A 46 -4.96 -14.01 2.97
C ILE A 46 -4.52 -14.38 4.39
N TYR A 47 -5.40 -14.18 5.38
CA TYR A 47 -5.07 -14.48 6.81
C TYR A 47 -4.64 -15.94 7.06
N TYR A 48 -5.23 -16.86 6.27
CA TYR A 48 -4.89 -18.31 6.37
C TYR A 48 -3.41 -18.70 5.92
N PRO A 49 -2.98 -18.31 4.71
CA PRO A 49 -1.58 -18.59 4.37
C PRO A 49 -0.63 -17.77 5.22
N LEU A 50 -1.01 -16.57 5.57
CA LEU A 50 -0.14 -15.73 6.38
C LEU A 50 0.04 -16.41 7.71
N SER A 51 -1.06 -16.84 8.31
CA SER A 51 -0.97 -17.59 9.55
C SER A 51 -0.03 -18.83 9.41
N THR A 52 -0.08 -19.46 8.24
CA THR A 52 0.71 -20.68 7.98
C THR A 52 2.19 -20.41 8.01
N LEU A 53 2.61 -19.36 7.32
CA LEU A 53 3.99 -18.87 7.43
C LEU A 53 4.40 -18.53 8.85
N MET A 54 3.56 -17.82 9.58
CA MET A 54 3.87 -17.46 11.00
C MET A 54 4.06 -18.74 11.86
N LEU A 55 3.22 -19.72 11.60
CA LEU A 55 3.32 -21.01 12.31
C LEU A 55 4.60 -21.75 11.94
N ALA A 56 5.04 -21.62 10.70
CA ALA A 56 6.40 -22.08 10.32
C ALA A 56 7.55 -21.29 10.94
N GLY A 57 7.25 -20.24 11.72
CA GLY A 57 8.29 -19.42 12.41
C GLY A 57 8.83 -18.23 11.58
N ILE A 58 8.20 -17.98 10.43
CA ILE A 58 8.69 -17.00 9.46
C ILE A 58 8.08 -15.63 9.81
N ARG A 59 8.93 -14.62 9.97
CA ARG A 59 8.45 -13.27 10.30
C ARG A 59 8.67 -12.24 9.22
N GLU A 60 9.62 -12.47 8.33
CA GLU A 60 9.87 -11.58 7.18
C GLU A 60 9.21 -12.13 5.92
N ILE A 61 8.21 -11.41 5.44
CA ILE A 61 7.34 -11.94 4.43
C ILE A 61 7.07 -10.92 3.32
N LEU A 62 7.15 -11.38 2.08
CA LEU A 62 6.79 -10.60 0.90
C LEU A 62 5.40 -11.02 0.37
N ILE A 63 4.50 -10.05 0.30
CA ILE A 63 3.20 -10.21 -0.35
C ILE A 63 3.27 -9.72 -1.78
N ILE A 64 3.05 -10.64 -2.70
CA ILE A 64 2.99 -10.34 -4.12
C ILE A 64 1.54 -10.38 -4.54
N SER A 65 1.06 -9.27 -5.07
CA SER A 65 -0.29 -9.09 -5.61
C SER A 65 -0.30 -8.26 -6.90
N THR A 66 -1.48 -8.09 -7.49
CA THR A 66 -1.65 -7.28 -8.71
C THR A 66 -1.32 -5.83 -8.41
N PRO A 67 -1.06 -4.99 -9.43
CA PRO A 67 -0.87 -3.51 -9.12
C PRO A 67 -2.12 -2.86 -8.48
N GLN A 68 -3.31 -3.28 -8.92
CA GLN A 68 -4.56 -2.74 -8.38
C GLN A 68 -4.78 -3.12 -6.93
N ASP A 69 -4.47 -4.36 -6.58
CA ASP A 69 -4.84 -4.88 -5.28
C ASP A 69 -3.83 -4.56 -4.21
N THR A 70 -2.60 -4.23 -4.60
CA THR A 70 -1.53 -4.06 -3.61
C THR A 70 -1.94 -3.12 -2.50
N PRO A 71 -2.45 -1.94 -2.83
CA PRO A 71 -2.89 -0.94 -1.84
C PRO A 71 -3.94 -1.43 -0.86
N ARG A 72 -4.82 -2.31 -1.34
CA ARG A 72 -5.79 -3.01 -0.51
C ARG A 72 -5.12 -3.97 0.50
N PHE A 73 -4.15 -4.79 0.09
CA PHE A 73 -3.47 -5.68 0.99
C PHE A 73 -2.69 -4.88 2.02
N GLN A 74 -2.09 -3.78 1.57
CA GLN A 74 -1.36 -2.89 2.45
C GLN A 74 -2.20 -2.28 3.55
N GLN A 75 -3.38 -1.81 3.21
CA GLN A 75 -4.32 -1.27 4.21
C GLN A 75 -4.75 -2.34 5.23
N LEU A 76 -4.98 -3.55 4.71
CA LEU A 76 -5.43 -4.67 5.57
C LEU A 76 -4.34 -5.04 6.55
N LEU A 77 -3.11 -5.15 6.05
CA LEU A 77 -2.00 -5.73 6.81
C LEU A 77 -0.88 -4.79 7.30
N GLY A 78 -0.70 -3.67 6.63
CA GLY A 78 0.35 -2.69 6.99
C GLY A 78 1.75 -3.26 6.82
N ASP A 79 2.67 -2.79 7.66
CA ASP A 79 4.05 -3.26 7.60
C ASP A 79 4.27 -4.52 8.47
N GLY A 80 3.20 -4.96 9.13
CA GLY A 80 3.21 -6.13 10.00
C GLY A 80 3.70 -5.89 11.41
N SER A 81 4.34 -4.75 11.66
CA SER A 81 4.90 -4.39 12.99
C SER A 81 3.94 -4.60 14.17
N ASN A 82 2.63 -4.39 13.98
CA ASN A 82 1.65 -4.63 15.07
C ASN A 82 1.50 -6.11 15.44
N TRP A 83 1.91 -7.00 14.55
CA TRP A 83 1.86 -8.41 14.82
C TRP A 83 3.27 -9.00 14.95
N GLY A 84 4.29 -8.18 15.12
CA GLY A 84 5.66 -8.68 15.31
C GLY A 84 6.32 -9.21 14.02
N LEU A 85 5.84 -8.75 12.89
CA LEU A 85 6.29 -9.19 11.59
C LEU A 85 6.94 -8.01 10.82
N ASP A 86 7.57 -8.36 9.70
CA ASP A 86 8.02 -7.38 8.74
C ASP A 86 7.55 -7.74 7.37
N LEU A 87 6.51 -7.00 6.94
CA LEU A 87 5.84 -7.28 5.69
C LEU A 87 6.25 -6.26 4.65
N GLN A 88 6.64 -6.77 3.47
CA GLN A 88 6.95 -5.95 2.31
C GLN A 88 6.07 -6.34 1.17
N TYR A 89 6.03 -5.48 0.17
CA TYR A 89 5.08 -5.63 -0.96
C TYR A 89 5.74 -5.54 -2.32
N ALA A 90 5.25 -6.36 -3.24
CA ALA A 90 5.70 -6.33 -4.60
C ALA A 90 4.55 -6.64 -5.50
N VAL A 91 4.68 -6.21 -6.75
CA VAL A 91 3.55 -6.38 -7.72
C VAL A 91 3.91 -7.42 -8.76
N GLN A 92 2.91 -8.14 -9.23
CA GLN A 92 3.05 -9.04 -10.38
C GLN A 92 2.18 -8.44 -11.48
N PRO A 93 2.80 -7.72 -12.43
CA PRO A 93 2.03 -7.09 -13.52
C PRO A 93 1.10 -8.04 -14.31
N SER A 94 1.54 -9.28 -14.52
CA SER A 94 0.83 -10.24 -15.37
C SER A 94 0.95 -11.65 -14.74
N PRO A 95 -0.14 -12.45 -14.72
CA PRO A 95 -0.09 -13.77 -14.07
C PRO A 95 0.67 -14.84 -14.88
N ASP A 96 1.98 -14.68 -14.95
CA ASP A 96 2.83 -15.45 -15.82
C ASP A 96 3.42 -16.67 -15.12
N GLY A 97 2.75 -17.17 -14.06
CA GLY A 97 3.11 -18.44 -13.40
C GLY A 97 3.63 -18.29 -11.98
N LEU A 98 3.44 -19.33 -11.17
CA LEU A 98 3.79 -19.26 -9.76
C LEU A 98 5.32 -19.10 -9.52
N ALA A 99 6.14 -19.72 -10.38
CA ALA A 99 7.60 -19.64 -10.26
C ALA A 99 8.18 -18.19 -10.41
N GLN A 100 7.44 -17.35 -11.10
CA GLN A 100 7.75 -15.93 -11.22
C GLN A 100 7.98 -15.21 -9.88
N ALA A 101 7.39 -15.76 -8.82
CA ALA A 101 7.54 -15.22 -7.46
C ALA A 101 9.00 -15.11 -7.02
N PHE A 102 9.83 -16.04 -7.51
CA PHE A 102 11.26 -16.01 -7.21
C PHE A 102 12.05 -14.91 -7.98
N LEU A 103 11.60 -14.55 -9.17
CA LEU A 103 12.26 -13.46 -9.96
C LEU A 103 11.88 -12.10 -9.40
N ILE A 104 10.58 -11.88 -9.25
CA ILE A 104 10.03 -10.74 -8.55
C ILE A 104 10.61 -10.64 -7.12
N GLY A 105 10.64 -11.76 -6.41
CA GLY A 105 11.18 -11.78 -5.03
C GLY A 105 12.69 -11.86 -4.85
N GLU A 106 13.44 -11.81 -5.96
CA GLU A 106 14.86 -12.05 -5.95
C GLU A 106 15.56 -11.25 -4.86
N SER A 107 15.44 -9.93 -4.92
CA SER A 107 16.23 -9.08 -4.01
C SER A 107 15.71 -9.14 -2.55
N PHE A 108 14.41 -9.38 -2.39
CA PHE A 108 13.84 -9.68 -1.04
C PHE A 108 14.45 -10.95 -0.41
N ILE A 109 14.56 -12.02 -1.19
CA ILE A 109 15.15 -13.27 -0.70
C ILE A 109 16.63 -13.08 -0.34
N GLY A 110 17.35 -12.33 -1.18
CA GLY A 110 18.78 -12.14 -0.98
C GLY A 110 19.45 -13.51 -0.93
N ASN A 111 20.26 -13.73 0.09
CA ASN A 111 21.00 -15.01 0.20
C ASN A 111 20.40 -15.92 1.29
N ASP A 112 19.13 -15.67 1.64
CA ASP A 112 18.47 -16.48 2.61
C ASP A 112 17.72 -17.69 2.01
N LEU A 113 17.29 -18.56 2.90
CA LEU A 113 16.34 -19.63 2.60
C LEU A 113 14.95 -18.98 2.48
N SER A 114 14.06 -19.65 1.76
CA SER A 114 12.74 -19.15 1.54
C SER A 114 11.61 -20.17 1.75
N ALA A 115 10.40 -19.65 1.73
CA ALA A 115 9.18 -20.45 1.72
C ALA A 115 8.13 -19.71 0.94
N LEU A 116 7.50 -20.42 0.01
CA LEU A 116 6.38 -19.89 -0.77
C LEU A 116 5.07 -20.59 -0.43
N VAL A 117 4.05 -19.78 -0.22
CA VAL A 117 2.71 -20.24 0.07
C VAL A 117 1.73 -19.54 -0.86
N LEU A 118 0.76 -20.31 -1.37
CA LEU A 118 -0.22 -19.72 -2.25
C LEU A 118 -1.21 -18.98 -1.39
N GLY A 119 -1.61 -17.85 -1.93
CA GLY A 119 -2.51 -16.93 -1.28
C GLY A 119 -3.91 -17.46 -1.04
N ASP A 120 -4.32 -18.51 -1.74
CA ASP A 120 -5.64 -19.09 -1.59
C ASP A 120 -5.67 -20.50 -0.98
N ASN A 121 -4.59 -20.84 -0.30
CA ASN A 121 -4.41 -22.20 0.27
C ASN A 121 -4.67 -22.19 1.76
N LEU A 122 -5.65 -22.99 2.14
CA LEU A 122 -6.07 -23.16 3.54
C LEU A 122 -5.65 -24.53 4.09
N TYR A 123 -4.97 -24.52 5.26
CA TYR A 123 -4.59 -25.77 5.93
C TYR A 123 -5.17 -25.75 7.33
N TYR A 124 -5.58 -26.92 7.80
CA TYR A 124 -5.95 -27.13 9.21
C TYR A 124 -5.60 -28.52 9.72
N GLY A 125 -5.00 -28.59 10.93
CA GLY A 125 -4.94 -29.85 11.67
C GLY A 125 -3.96 -29.91 12.81
N HIS A 126 -3.89 -31.08 13.43
CA HIS A 126 -3.13 -31.30 14.67
C HIS A 126 -1.66 -31.37 14.45
N ASP A 127 -0.92 -30.65 15.29
CA ASP A 127 0.54 -30.65 15.20
C ASP A 127 0.98 -30.07 13.84
N PHE A 128 0.22 -29.13 13.33
CA PHE A 128 0.60 -28.48 12.07
C PHE A 128 1.91 -27.70 12.24
N HIS A 129 2.06 -27.05 13.39
CA HIS A 129 3.32 -26.39 13.79
C HIS A 129 4.55 -27.30 13.67
N GLU A 130 4.41 -28.54 14.15
CA GLU A 130 5.51 -29.53 14.13
C GLU A 130 5.85 -30.02 12.71
N LEU A 131 4.81 -30.25 11.90
CA LEU A 131 4.99 -30.64 10.49
C LEU A 131 5.74 -29.63 9.64
N LEU A 132 5.44 -28.36 9.86
CA LEU A 132 6.17 -27.25 9.22
C LEU A 132 7.60 -27.09 9.78
N GLY A 133 7.74 -27.29 11.09
CA GLY A 133 9.02 -27.23 11.82
C GLY A 133 10.08 -28.10 11.17
N SER A 134 9.76 -29.35 10.90
CA SER A 134 10.75 -30.24 10.26
C SER A 134 11.04 -29.87 8.79
N ALA A 135 10.10 -29.25 8.07
CA ALA A 135 10.44 -28.73 6.74
C ALA A 135 11.32 -27.47 6.81
N SER A 136 10.99 -26.51 7.66
CA SER A 136 11.82 -25.27 7.76
C SER A 136 13.20 -25.54 8.31
N GLN A 137 13.33 -26.60 9.11
CA GLN A 137 14.60 -26.99 9.75
C GLN A 137 15.64 -27.56 8.78
N ARG A 138 15.18 -28.22 7.73
CA ARG A 138 16.06 -28.76 6.69
C ARG A 138 16.66 -27.59 5.85
N GLN A 139 17.96 -27.34 5.99
CA GLN A 139 18.61 -26.12 5.48
C GLN A 139 19.08 -26.25 4.03
N THR A 140 19.13 -27.47 3.49
CA THR A 140 19.44 -27.67 2.07
C THR A 140 18.33 -28.42 1.40
N GLY A 141 18.29 -28.25 0.10
CA GLY A 141 17.26 -28.81 -0.70
C GLY A 141 15.93 -28.07 -0.56
N ALA A 142 14.90 -28.74 -1.09
CA ALA A 142 13.52 -28.27 -1.09
C ALA A 142 12.66 -29.27 -0.36
N SER A 143 11.65 -28.75 0.29
CA SER A 143 10.60 -29.59 0.91
C SER A 143 9.20 -29.20 0.39
N VAL A 144 8.42 -30.21 0.00
CA VAL A 144 6.99 -30.03 -0.32
C VAL A 144 6.10 -31.06 0.38
N PHE A 145 4.82 -30.85 0.27
CA PHE A 145 3.84 -31.77 0.86
C PHE A 145 2.92 -32.32 -0.16
N ALA A 146 2.65 -33.62 0.00
CA ALA A 146 1.72 -34.37 -0.83
C ALA A 146 0.51 -34.76 -0.03
N TYR A 147 -0.66 -34.56 -0.63
CA TYR A 147 -1.97 -34.74 0.01
C TYR A 147 -2.93 -35.53 -0.89
N HIS A 148 -3.54 -36.58 -0.34
CA HIS A 148 -4.43 -37.44 -1.16
C HIS A 148 -5.70 -36.64 -1.54
N VAL A 149 -6.01 -36.54 -2.83
CA VAL A 149 -7.23 -35.87 -3.28
C VAL A 149 -8.02 -36.68 -4.30
N LEU A 150 -9.29 -36.30 -4.48
CA LEU A 150 -10.21 -36.95 -5.42
C LEU A 150 -9.85 -36.65 -6.86
N ASP A 151 -9.31 -35.46 -7.11
CA ASP A 151 -9.12 -34.98 -8.45
C ASP A 151 -7.66 -34.56 -8.70
N PRO A 152 -6.72 -35.53 -8.63
CA PRO A 152 -5.30 -35.15 -8.81
C PRO A 152 -4.91 -34.46 -10.12
N GLU A 153 -5.71 -34.67 -11.18
CA GLU A 153 -5.60 -33.96 -12.49
C GLU A 153 -5.43 -32.47 -12.45
N ARG A 154 -5.88 -31.85 -11.38
CA ARG A 154 -5.87 -30.40 -11.32
C ARG A 154 -4.55 -29.86 -10.86
N TYR A 155 -3.71 -30.73 -10.33
CA TYR A 155 -2.54 -30.33 -9.61
C TYR A 155 -1.27 -30.95 -10.16
N GLY A 156 -0.16 -30.55 -9.54
CA GLY A 156 1.09 -31.30 -9.64
C GLY A 156 0.87 -32.62 -8.90
N VAL A 157 1.16 -33.73 -9.57
CA VAL A 157 1.00 -35.07 -9.01
C VAL A 157 2.37 -35.73 -8.77
N VAL A 158 2.55 -36.30 -7.58
CA VAL A 158 3.77 -37.02 -7.17
C VAL A 158 3.54 -38.51 -7.31
N GLU A 159 4.51 -39.21 -7.89
CA GLU A 159 4.44 -40.66 -8.04
C GLU A 159 5.47 -41.22 -7.12
N PHE A 160 5.07 -42.24 -6.38
CA PHE A 160 5.97 -42.90 -5.42
C PHE A 160 6.30 -44.33 -5.83
N ASP A 161 7.52 -44.78 -5.54
CA ASP A 161 7.83 -46.23 -5.73
C ASP A 161 7.29 -47.06 -4.56
N GLN A 162 7.48 -48.38 -4.62
CA GLN A 162 7.02 -49.30 -3.56
C GLN A 162 7.62 -49.06 -2.18
N GLY A 163 8.80 -48.46 -2.13
CA GLY A 163 9.38 -48.02 -0.89
C GLY A 163 8.90 -46.64 -0.39
N GLY A 164 7.96 -46.02 -1.08
CA GLY A 164 7.55 -44.68 -0.72
C GLY A 164 8.49 -43.55 -1.13
N LYS A 165 9.49 -43.83 -1.95
CA LYS A 165 10.33 -42.76 -2.54
C LYS A 165 9.64 -42.07 -3.77
N ALA A 166 9.71 -40.74 -3.77
CA ALA A 166 9.21 -39.93 -4.89
C ALA A 166 10.14 -40.10 -6.07
N ILE A 167 9.54 -40.45 -7.20
CA ILE A 167 10.28 -40.69 -8.46
C ILE A 167 9.86 -39.87 -9.66
N SER A 168 8.65 -39.30 -9.65
CA SER A 168 8.25 -38.36 -10.70
C SER A 168 7.24 -37.31 -10.26
N LEU A 169 7.23 -36.23 -11.03
CA LEU A 169 6.34 -35.13 -10.86
C LEU A 169 5.75 -34.75 -12.19
N GLU A 170 4.43 -34.55 -12.23
CA GLU A 170 3.74 -34.11 -13.42
C GLU A 170 2.74 -33.03 -13.08
N GLU A 171 2.77 -31.95 -13.86
CA GLU A 171 1.79 -30.88 -13.77
C GLU A 171 0.51 -31.25 -14.54
N LYS A 172 -0.58 -31.39 -13.82
CA LYS A 172 -1.91 -31.56 -14.41
C LYS A 172 -1.96 -32.71 -15.42
N PRO A 173 -1.44 -33.89 -15.04
CA PRO A 173 -1.46 -35.00 -16.01
C PRO A 173 -2.92 -35.43 -16.26
N LEU A 174 -3.26 -35.77 -17.49
CA LEU A 174 -4.57 -36.34 -17.80
C LEU A 174 -4.78 -37.72 -17.21
N GLU A 175 -3.72 -38.47 -16.99
CA GLU A 175 -3.82 -39.79 -16.33
C GLU A 175 -2.85 -39.81 -15.15
N PRO A 176 -3.29 -39.32 -14.01
CA PRO A 176 -2.41 -39.18 -12.85
C PRO A 176 -1.89 -40.54 -12.35
N LYS A 177 -0.62 -40.56 -12.00
CA LYS A 177 0.04 -41.77 -11.54
C LYS A 177 -0.34 -42.12 -10.10
N SER A 178 -0.85 -41.16 -9.35
CA SER A 178 -1.36 -41.44 -8.06
C SER A 178 -2.40 -40.39 -7.77
N ASN A 179 -2.98 -40.45 -6.58
CA ASN A 179 -3.89 -39.46 -6.13
C ASN A 179 -3.21 -38.41 -5.22
N TYR A 180 -1.86 -38.41 -5.15
CA TYR A 180 -1.13 -37.50 -4.28
C TYR A 180 -0.79 -36.18 -4.97
N ALA A 181 -1.45 -35.11 -4.52
CA ALA A 181 -1.26 -33.81 -5.08
C ALA A 181 -0.26 -33.02 -4.29
N VAL A 182 0.49 -32.20 -4.99
CA VAL A 182 1.43 -31.31 -4.33
C VAL A 182 0.70 -30.09 -3.81
N THR A 183 0.79 -29.83 -2.51
CA THR A 183 0.04 -28.69 -1.91
C THR A 183 0.76 -27.37 -2.19
N GLY A 184 0.11 -26.24 -1.88
CA GLY A 184 0.59 -24.92 -2.24
C GLY A 184 1.48 -24.31 -1.17
N LEU A 185 2.38 -25.13 -0.65
CA LEU A 185 3.30 -24.73 0.37
C LEU A 185 4.60 -25.34 0.02
N TYR A 186 5.63 -24.49 -0.11
CA TYR A 186 6.94 -24.90 -0.62
C TYR A 186 8.12 -24.26 0.16
N PHE A 187 9.06 -25.09 0.58
CA PHE A 187 10.28 -24.66 1.28
C PHE A 187 11.52 -24.90 0.38
N TYR A 188 12.39 -23.87 0.29
CA TYR A 188 13.54 -23.88 -0.62
C TYR A 188 14.78 -23.34 0.01
N ASP A 189 15.89 -23.89 -0.44
CA ASP A 189 17.24 -23.39 -0.06
C ASP A 189 17.65 -22.21 -0.98
N GLN A 190 18.93 -21.85 -0.95
CA GLN A 190 19.44 -20.71 -1.74
C GLN A 190 19.56 -20.98 -3.21
N GLN A 191 19.28 -22.20 -3.68
CA GLN A 191 19.34 -22.54 -5.14
C GLN A 191 18.15 -22.16 -5.98
N VAL A 192 17.05 -21.81 -5.32
CA VAL A 192 15.79 -21.65 -6.05
C VAL A 192 15.75 -20.46 -7.03
N VAL A 193 16.31 -19.32 -6.64
CA VAL A 193 16.33 -18.13 -7.53
C VAL A 193 16.99 -18.50 -8.87
N ASP A 194 18.15 -19.17 -8.82
CA ASP A 194 18.88 -19.60 -10.04
C ASP A 194 18.14 -20.65 -10.90
N ILE A 195 17.56 -21.64 -10.23
CA ILE A 195 16.69 -22.61 -10.90
C ILE A 195 15.51 -21.88 -11.55
N ALA A 196 14.94 -20.90 -10.85
CA ALA A 196 13.84 -20.09 -11.41
C ALA A 196 14.20 -19.23 -12.63
N ARG A 197 15.35 -18.57 -12.55
CA ARG A 197 15.89 -17.82 -13.72
C ARG A 197 16.04 -18.63 -15.01
N ASP A 198 16.47 -19.88 -14.90
CA ASP A 198 16.69 -20.78 -16.06
C ASP A 198 15.45 -21.47 -16.60
N LEU A 199 14.28 -21.26 -15.99
CA LEU A 199 13.06 -21.86 -16.53
C LEU A 199 12.59 -21.18 -17.80
N LYS A 200 11.96 -21.97 -18.66
CA LYS A 200 11.31 -21.47 -19.87
C LYS A 200 9.79 -21.56 -19.65
N PRO A 201 9.00 -20.63 -20.24
CA PRO A 201 7.51 -20.78 -20.14
C PRO A 201 7.00 -22.14 -20.61
N SER A 202 5.89 -22.60 -20.04
CA SER A 202 5.35 -23.90 -20.40
C SER A 202 4.55 -23.71 -21.71
N PRO A 203 4.00 -24.80 -22.27
CA PRO A 203 3.06 -24.60 -23.38
C PRO A 203 1.91 -23.63 -23.05
N ARG A 204 1.53 -23.57 -21.77
CA ARG A 204 0.48 -22.67 -21.25
C ARG A 204 0.87 -21.19 -21.11
N GLY A 205 2.16 -20.86 -21.28
CA GLY A 205 2.66 -19.49 -21.08
C GLY A 205 3.11 -19.18 -19.65
N GLU A 206 3.25 -20.21 -18.81
CA GLU A 206 3.60 -20.03 -17.37
C GLU A 206 4.96 -20.59 -16.98
N LEU A 207 5.63 -19.85 -16.09
CA LEU A 207 6.78 -20.37 -15.36
C LEU A 207 6.23 -21.30 -14.27
N GLU A 208 6.36 -22.60 -14.47
CA GLU A 208 5.72 -23.61 -13.64
C GLU A 208 6.51 -23.94 -12.33
N ILE A 209 5.81 -23.91 -11.21
CA ILE A 209 6.39 -24.38 -9.94
C ILE A 209 6.81 -25.86 -10.03
N THR A 210 6.06 -26.69 -10.76
CA THR A 210 6.40 -28.15 -10.87
C THR A 210 7.77 -28.35 -11.54
N ASP A 211 8.11 -27.46 -12.48
CA ASP A 211 9.45 -27.49 -13.08
C ASP A 211 10.53 -27.23 -12.04
N VAL A 212 10.29 -26.25 -11.18
CA VAL A 212 11.22 -25.94 -10.09
C VAL A 212 11.42 -27.16 -9.21
N ASN A 213 10.31 -27.74 -8.80
CA ASN A 213 10.36 -28.92 -7.97
C ASN A 213 11.00 -30.09 -8.72
N ARG A 214 10.72 -30.24 -10.01
CA ARG A 214 11.37 -31.34 -10.74
C ARG A 214 12.90 -31.22 -10.75
N ALA A 215 13.41 -29.98 -10.80
CA ALA A 215 14.84 -29.73 -10.77
C ALA A 215 15.48 -30.10 -9.46
N TYR A 216 14.79 -29.84 -8.34
CA TYR A 216 15.24 -30.35 -7.06
C TYR A 216 15.20 -31.88 -7.02
N LEU A 217 14.10 -32.47 -7.52
CA LEU A 217 14.00 -33.95 -7.53
C LEU A 217 15.16 -34.58 -8.33
N GLU A 218 15.47 -33.98 -9.48
CA GLU A 218 16.49 -34.54 -10.39
C GLU A 218 17.89 -34.54 -9.76
N ARG A 219 18.16 -33.60 -8.85
CA ARG A 219 19.43 -33.59 -8.09
C ARG A 219 19.31 -34.30 -6.75
N GLY A 220 18.29 -35.13 -6.54
CA GLY A 220 18.14 -35.85 -5.26
C GLY A 220 17.98 -34.92 -4.07
N GLN A 221 17.46 -33.69 -4.26
CA GLN A 221 17.33 -32.75 -3.10
C GLN A 221 15.86 -32.31 -2.78
N LEU A 222 14.90 -33.12 -3.20
CA LEU A 222 13.50 -32.88 -2.92
C LEU A 222 12.97 -33.85 -1.85
N SER A 223 12.63 -33.29 -0.70
CA SER A 223 11.87 -34.01 0.29
C SER A 223 10.32 -33.79 0.04
N VAL A 224 9.63 -34.92 0.01
CA VAL A 224 8.21 -34.97 -0.16
C VAL A 224 7.61 -35.65 1.06
N GLU A 225 7.14 -34.84 1.97
CA GLU A 225 6.48 -35.36 3.13
C GLU A 225 5.01 -35.48 2.86
N ILE A 226 4.41 -36.56 3.36
CA ILE A 226 2.99 -36.76 3.30
C ILE A 226 2.33 -35.80 4.30
N MET A 227 1.33 -35.08 3.85
CA MET A 227 0.37 -34.42 4.75
C MET A 227 -0.85 -35.37 4.83
N GLY A 228 -1.01 -36.06 5.94
CA GLY A 228 -2.00 -37.11 6.06
C GLY A 228 -3.45 -36.62 6.02
N ARG A 229 -4.30 -37.60 5.93
CA ARG A 229 -5.72 -37.43 5.78
C ARG A 229 -6.39 -36.79 6.99
N GLY A 230 -5.76 -36.91 8.14
CA GLY A 230 -6.23 -36.19 9.33
C GLY A 230 -6.04 -34.65 9.29
N TYR A 231 -5.28 -34.16 8.29
CA TYR A 231 -5.24 -32.71 7.95
C TYR A 231 -6.27 -32.36 6.88
N ALA A 232 -6.89 -31.18 7.04
CA ALA A 232 -7.67 -30.59 5.97
C ALA A 232 -6.85 -29.60 5.13
N TRP A 233 -6.75 -29.88 3.82
CA TRP A 233 -6.23 -28.97 2.84
C TRP A 233 -7.37 -28.58 1.92
N LEU A 234 -7.90 -27.38 2.15
CA LEU A 234 -9.10 -26.92 1.48
C LEU A 234 -8.89 -26.15 0.14
N ASP A 235 -9.86 -26.45 -0.71
CA ASP A 235 -9.99 -26.01 -2.04
C ASP A 235 -10.72 -24.71 -1.99
N THR A 236 -10.09 -23.68 -2.58
CA THR A 236 -10.77 -22.42 -2.83
C THR A 236 -10.90 -22.07 -4.31
N GLY A 237 -10.72 -23.06 -5.17
CA GLY A 237 -10.73 -22.85 -6.60
C GLY A 237 -12.05 -22.60 -7.34
N THR A 238 -13.17 -23.03 -6.73
CA THR A 238 -14.49 -22.72 -7.24
C THR A 238 -15.32 -21.95 -6.21
N HIS A 239 -16.40 -21.35 -6.71
CA HIS A 239 -17.43 -20.72 -5.87
C HIS A 239 -18.00 -21.74 -4.92
N ASP A 240 -18.25 -22.96 -5.41
CA ASP A 240 -18.68 -24.07 -4.49
C ASP A 240 -17.63 -24.45 -3.42
N SER A 241 -16.35 -24.48 -3.77
CA SER A 241 -15.35 -24.91 -2.79
C SER A 241 -15.07 -23.79 -1.74
N LEU A 242 -15.06 -22.52 -2.16
CA LEU A 242 -14.91 -21.32 -1.24
C LEU A 242 -15.99 -21.36 -0.13
N LEU A 243 -17.19 -21.71 -0.55
CA LEU A 243 -18.33 -21.85 0.32
C LEU A 243 -18.21 -23.02 1.29
N GLU A 244 -17.71 -24.14 0.79
CA GLU A 244 -17.36 -25.30 1.62
C GLU A 244 -16.30 -24.98 2.68
N ALA A 245 -15.28 -24.19 2.30
CA ALA A 245 -14.24 -23.78 3.22
C ALA A 245 -14.76 -22.87 4.33
N GLY A 246 -15.63 -21.92 3.96
CA GLY A 246 -16.34 -21.10 4.97
C GLY A 246 -17.13 -21.94 5.99
N GLN A 247 -18.01 -22.82 5.49
CA GLN A 247 -18.75 -23.75 6.36
CA GLN A 247 -18.76 -23.77 6.36
C GLN A 247 -17.86 -24.58 7.30
N PHE A 248 -16.73 -25.00 6.75
CA PHE A 248 -15.80 -25.85 7.46
C PHE A 248 -15.15 -25.10 8.63
N ILE A 249 -14.66 -23.87 8.39
CA ILE A 249 -14.08 -23.06 9.38
C ILE A 249 -15.14 -22.60 10.44
N ALA A 250 -16.30 -22.17 9.97
CA ALA A 250 -17.34 -21.77 10.86
C ALA A 250 -17.71 -22.93 11.83
N THR A 251 -17.83 -24.13 11.33
CA THR A 251 -18.16 -25.30 12.19
C THR A 251 -17.09 -25.56 13.25
N LEU A 252 -15.82 -25.48 12.88
CA LEU A 252 -14.75 -25.62 13.88
C LEU A 252 -14.76 -24.50 14.88
N GLU A 253 -14.81 -23.25 14.39
CA GLU A 253 -14.81 -22.09 15.29
C GLU A 253 -15.98 -22.04 16.32
N ASN A 254 -17.19 -22.30 15.87
CA ASN A 254 -18.37 -22.24 16.71
C ASN A 254 -18.47 -23.41 17.64
N ARG A 255 -17.79 -24.49 17.29
CA ARG A 255 -17.75 -25.61 18.19
C ARG A 255 -16.78 -25.35 19.36
N GLN A 256 -15.66 -24.73 19.04
CA GLN A 256 -14.52 -24.69 19.94
C GLN A 256 -14.47 -23.43 20.74
N GLY A 257 -15.10 -22.40 20.21
CA GLY A 257 -14.89 -21.03 20.70
C GLY A 257 -13.41 -20.67 20.60
N LEU A 258 -12.77 -21.16 19.55
CA LEU A 258 -11.38 -20.84 19.21
C LEU A 258 -11.33 -20.59 17.73
N LYS A 259 -10.35 -19.81 17.32
CA LYS A 259 -10.22 -19.39 15.94
C LYS A 259 -9.15 -20.19 15.23
N VAL A 260 -9.36 -20.43 13.94
CA VAL A 260 -8.34 -20.99 13.05
C VAL A 260 -7.70 -19.77 12.33
N ALA A 261 -6.37 -19.72 12.31
CA ALA A 261 -5.61 -18.70 11.57
C ALA A 261 -6.01 -17.26 11.92
N CYS A 262 -5.97 -16.98 13.22
CA CYS A 262 -6.04 -15.64 13.76
C CYS A 262 -4.61 -15.20 13.96
N PRO A 263 -4.09 -14.31 13.07
CA PRO A 263 -2.69 -13.89 13.12
C PRO A 263 -2.27 -13.31 14.47
N GLU A 264 -3.13 -12.50 15.06
CA GLU A 264 -2.82 -11.88 16.37
C GLU A 264 -2.52 -12.94 17.44
N GLU A 265 -3.34 -13.98 17.46
CA GLU A 265 -3.17 -15.07 18.41
C GLU A 265 -1.86 -15.77 18.15
N ILE A 266 -1.57 -16.02 16.89
CA ILE A 266 -0.34 -16.76 16.56
C ILE A 266 0.85 -15.90 17.01
N ALA A 267 0.82 -14.60 16.73
CA ALA A 267 1.94 -13.73 17.16
C ALA A 267 2.12 -13.78 18.69
N TYR A 268 1.00 -13.72 19.42
CA TYR A 268 1.01 -13.76 20.89
C TYR A 268 1.59 -15.06 21.41
N ARG A 269 1.20 -16.18 20.83
CA ARG A 269 1.70 -17.50 21.29
C ARG A 269 3.14 -17.77 20.92
N GLN A 270 3.58 -17.20 19.82
CA GLN A 270 5.01 -17.22 19.46
C GLN A 270 5.89 -16.26 20.24
N LYS A 271 5.30 -15.36 21.03
CA LYS A 271 6.03 -14.31 21.80
C LYS A 271 6.69 -13.28 20.89
N TRP A 272 6.10 -13.07 19.72
CA TRP A 272 6.46 -11.98 18.84
C TRP A 272 5.76 -10.69 19.23
N ILE A 273 4.66 -10.81 19.95
CA ILE A 273 4.02 -9.65 20.62
C ILE A 273 3.69 -10.02 22.06
N ASP A 274 3.54 -9.03 22.92
CA ASP A 274 3.30 -9.29 24.36
C ASP A 274 1.85 -9.04 24.72
N ALA A 275 1.51 -9.30 25.97
CA ALA A 275 0.14 -9.07 26.47
C ALA A 275 -0.37 -7.63 26.26
N ALA A 276 0.47 -6.65 26.55
CA ALA A 276 0.08 -5.23 26.37
C ALA A 276 -0.24 -4.91 24.92
N GLN A 277 0.59 -5.38 24.01
CA GLN A 277 0.36 -5.16 22.58
C GLN A 277 -0.93 -5.85 22.08
N LEU A 278 -1.15 -7.09 22.50
CA LEU A 278 -2.39 -7.78 22.14
C LEU A 278 -3.62 -7.01 22.61
N GLU A 279 -3.53 -6.43 23.78
CA GLU A 279 -4.64 -5.64 24.31
C GLU A 279 -4.96 -4.43 23.45
N LYS A 280 -3.94 -3.81 22.91
CA LYS A 280 -4.17 -2.65 22.04
C LYS A 280 -4.88 -3.03 20.76
N LEU A 281 -4.49 -4.17 20.20
CA LEU A 281 -5.11 -4.69 18.95
C LEU A 281 -6.54 -5.12 19.14
N ALA A 282 -6.87 -5.54 20.36
CA ALA A 282 -8.27 -5.87 20.76
C ALA A 282 -9.16 -4.64 20.86
N ALA A 283 -8.58 -3.49 21.23
CA ALA A 283 -9.35 -2.23 21.47
C ALA A 283 -10.28 -1.78 20.30
N PRO A 284 -9.73 -1.52 19.08
CA PRO A 284 -10.60 -1.10 17.98
C PRO A 284 -11.56 -2.17 17.46
N LEU A 285 -11.39 -3.43 17.85
CA LEU A 285 -12.33 -4.50 17.50
C LEU A 285 -13.27 -4.90 18.65
N ALA A 286 -13.29 -4.12 19.74
CA ALA A 286 -13.95 -4.51 21.03
C ALA A 286 -15.44 -4.83 20.91
N LYS A 287 -16.10 -4.12 20.01
CA LYS A 287 -17.53 -4.18 19.83
C LYS A 287 -17.98 -5.37 18.95
N ASN A 288 -17.04 -6.18 18.46
CA ASN A 288 -17.38 -7.41 17.76
C ASN A 288 -16.69 -8.62 18.36
N GLY A 289 -17.14 -9.81 17.91
CA GLY A 289 -16.66 -11.12 18.40
C GLY A 289 -15.17 -11.32 18.28
N TYR A 290 -14.57 -10.74 17.23
CA TYR A 290 -13.14 -10.93 16.92
C TYR A 290 -12.27 -10.22 17.98
N GLY A 291 -12.60 -8.96 18.28
CA GLY A 291 -11.93 -8.22 19.37
C GLY A 291 -12.14 -8.86 20.74
N GLN A 292 -13.37 -9.26 21.01
CA GLN A 292 -13.73 -9.96 22.28
C GLN A 292 -12.85 -11.21 22.46
N TYR A 293 -12.70 -11.95 21.37
CA TYR A 293 -11.84 -13.12 21.36
C TYR A 293 -10.38 -12.76 21.66
N LEU A 294 -9.85 -11.72 21.03
CA LEU A 294 -8.49 -11.25 21.40
C LEU A 294 -8.33 -10.87 22.92
N LYS A 295 -9.31 -10.14 23.46
CA LYS A 295 -9.31 -9.86 24.92
C LYS A 295 -9.36 -11.20 25.74
N ARG A 296 -10.29 -12.11 25.41
CA ARG A 296 -10.34 -13.40 26.12
C ARG A 296 -9.02 -14.20 26.10
N LEU A 297 -8.23 -14.08 25.03
CA LEU A 297 -6.91 -14.67 24.98
C LEU A 297 -5.92 -14.15 26.03
N LEU A 298 -6.15 -12.97 26.58
CA LEU A 298 -5.22 -12.42 27.58
C LEU A 298 -5.33 -13.19 28.87
N THR A 299 -6.53 -13.71 29.16
CA THR A 299 -6.80 -14.31 30.46
C THR A 299 -7.00 -15.83 30.45
N GLU A 300 -7.26 -16.43 29.29
CA GLU A 300 -7.48 -17.86 29.24
C GLU A 300 -6.16 -18.61 28.95
N THR A 301 -5.98 -19.75 29.59
CA THR A 301 -4.95 -20.71 29.20
C THR A 301 -5.60 -21.65 28.15
N VAL A 302 -4.94 -21.80 27.01
CA VAL A 302 -5.37 -22.65 25.88
C VAL A 302 -4.23 -23.57 25.45
N TYR A 303 -4.44 -24.87 25.58
CA TYR A 303 -3.37 -25.85 25.34
C TYR A 303 -3.23 -26.11 23.83
N LYS B 12 -43.25 7.57 -13.96
CA LYS B 12 -41.73 7.36 -13.96
C LYS B 12 -41.13 7.14 -12.58
N ARG B 13 -40.46 6.00 -12.37
CA ARG B 13 -39.92 5.65 -11.05
C ARG B 13 -38.40 5.43 -11.14
N LYS B 14 -37.66 6.12 -10.31
CA LYS B 14 -36.21 5.95 -10.25
C LYS B 14 -35.81 5.13 -9.06
N GLY B 15 -34.66 4.49 -9.18
CA GLY B 15 -34.11 3.65 -8.11
C GLY B 15 -32.90 4.19 -7.37
N ILE B 16 -32.77 3.81 -6.09
CA ILE B 16 -31.58 4.08 -5.30
C ILE B 16 -31.19 2.80 -4.63
N ILE B 17 -29.91 2.42 -4.81
CA ILE B 17 -29.31 1.34 -4.00
C ILE B 17 -28.38 1.96 -2.97
N LEU B 18 -28.67 1.76 -1.69
CA LEU B 18 -27.82 2.28 -0.67
C LEU B 18 -26.83 1.17 -0.30
N ALA B 19 -25.56 1.38 -0.69
CA ALA B 19 -24.51 0.41 -0.46
C ALA B 19 -23.46 1.06 0.38
N GLY B 20 -23.85 1.32 1.61
CA GLY B 20 -23.06 2.13 2.50
C GLY B 20 -22.08 1.39 3.36
N GLY B 21 -21.55 2.17 4.30
CA GLY B 21 -20.54 1.69 5.25
C GLY B 21 -21.21 0.78 6.24
N SER B 22 -20.69 -0.46 6.37
CA SER B 22 -21.24 -1.48 7.29
C SER B 22 -20.60 -1.38 8.70
N GLY B 23 -19.98 -0.22 8.96
CA GLY B 23 -19.19 -0.03 10.16
C GLY B 23 -18.11 -1.08 10.30
N THR B 24 -17.71 -1.32 11.54
CA THR B 24 -16.72 -2.34 11.89
C THR B 24 -17.35 -3.70 12.26
N ARG B 25 -18.68 -3.85 12.14
CA ARG B 25 -19.35 -5.07 12.60
C ARG B 25 -18.82 -6.43 11.99
N LEU B 26 -18.39 -6.40 10.75
CA LEU B 26 -17.93 -7.59 10.02
C LEU B 26 -16.42 -7.64 9.86
N HIS B 27 -15.73 -6.74 10.56
CA HIS B 27 -14.28 -6.68 10.51
C HIS B 27 -13.77 -7.94 11.16
N PRO B 28 -12.70 -8.55 10.64
CA PRO B 28 -11.82 -7.93 9.63
C PRO B 28 -12.07 -8.32 8.20
N ALA B 29 -13.04 -9.18 7.95
CA ALA B 29 -13.47 -9.52 6.55
C ALA B 29 -13.70 -8.27 5.67
N THR B 30 -14.36 -7.27 6.25
CA THR B 30 -14.67 -6.01 5.57
C THR B 30 -13.63 -4.87 5.69
N LEU B 31 -12.51 -5.08 6.36
CA LEU B 31 -11.41 -4.12 6.27
C LEU B 31 -10.94 -3.83 4.82
N ALA B 32 -10.78 -4.89 4.04
CA ALA B 32 -10.26 -4.74 2.67
C ALA B 32 -11.25 -4.09 1.67
N ILE B 33 -12.54 -4.42 1.81
CA ILE B 33 -13.58 -3.94 0.86
C ILE B 33 -14.93 -3.89 1.53
N SER B 34 -15.83 -3.05 1.01
CA SER B 34 -17.16 -3.01 1.53
C SER B 34 -17.90 -4.29 1.22
N LYS B 35 -18.82 -4.50 2.13
CA LYS B 35 -19.65 -5.64 2.23
C LYS B 35 -20.34 -5.92 0.89
N GLN B 36 -20.82 -4.88 0.21
CA GLN B 36 -21.71 -5.07 -0.96
C GLN B 36 -21.01 -5.45 -2.25
N LEU B 37 -19.66 -5.51 -2.18
CA LEU B 37 -18.80 -6.17 -3.21
C LEU B 37 -18.36 -7.60 -2.89
N LEU B 38 -18.58 -8.07 -1.66
CA LEU B 38 -18.38 -9.46 -1.33
C LEU B 38 -19.37 -10.30 -2.13
N PRO B 39 -18.91 -11.42 -2.66
CA PRO B 39 -19.88 -12.22 -3.34
C PRO B 39 -20.83 -12.98 -2.42
N VAL B 40 -22.02 -13.24 -2.95
CA VAL B 40 -22.94 -14.24 -2.35
C VAL B 40 -22.91 -15.32 -3.41
N TYR B 41 -22.20 -16.39 -3.08
CA TYR B 41 -21.94 -17.50 -3.99
C TYR B 41 -21.13 -17.03 -5.20
N ASP B 42 -21.76 -16.86 -6.35
CA ASP B 42 -21.03 -16.70 -7.60
C ASP B 42 -20.99 -15.26 -8.12
N LYS B 43 -21.72 -14.35 -7.46
CA LYS B 43 -21.77 -12.97 -7.91
C LYS B 43 -21.69 -11.97 -6.78
N PRO B 44 -21.30 -10.72 -7.10
CA PRO B 44 -21.21 -9.69 -6.05
C PRO B 44 -22.55 -9.36 -5.45
N MET B 45 -22.53 -9.07 -4.15
CA MET B 45 -23.74 -8.83 -3.38
C MET B 45 -24.66 -7.85 -4.08
N ILE B 46 -24.07 -6.78 -4.60
CA ILE B 46 -24.80 -5.68 -5.17
C ILE B 46 -25.74 -6.16 -6.27
N TYR B 47 -25.35 -7.23 -6.94
CA TYR B 47 -26.13 -7.76 -8.08
C TYR B 47 -27.55 -8.09 -7.70
N TYR B 48 -27.73 -8.52 -6.45
CA TYR B 48 -29.08 -8.95 -5.96
C TYR B 48 -30.11 -7.79 -5.80
N PRO B 49 -29.76 -6.74 -5.05
CA PRO B 49 -30.66 -5.57 -5.03
C PRO B 49 -30.81 -4.91 -6.38
N LEU B 50 -29.73 -4.87 -7.14
CA LEU B 50 -29.81 -4.28 -8.47
C LEU B 50 -30.79 -5.05 -9.32
N SER B 51 -30.64 -6.35 -9.33
CA SER B 51 -31.61 -7.22 -10.00
C SER B 51 -33.06 -6.96 -9.53
N THR B 52 -33.23 -6.71 -8.26
CA THR B 52 -34.54 -6.48 -7.66
C THR B 52 -35.17 -5.20 -8.24
N LEU B 53 -34.40 -4.13 -8.30
CA LEU B 53 -34.86 -2.92 -8.97
C LEU B 53 -35.23 -3.15 -10.41
N MET B 54 -34.41 -3.85 -11.13
CA MET B 54 -34.66 -4.12 -12.57
C MET B 54 -35.98 -4.93 -12.75
N LEU B 55 -36.20 -5.87 -11.83
CA LEU B 55 -37.40 -6.65 -11.84
C LEU B 55 -38.63 -5.78 -11.54
N ALA B 56 -38.46 -4.76 -10.69
CA ALA B 56 -39.51 -3.74 -10.50
C ALA B 56 -39.73 -2.85 -11.72
N GLY B 57 -38.94 -3.01 -12.79
CA GLY B 57 -39.11 -2.19 -14.02
C GLY B 57 -38.31 -0.88 -13.99
N ILE B 58 -37.45 -0.70 -12.98
CA ILE B 58 -36.68 0.52 -12.80
C ILE B 58 -35.32 0.41 -13.59
N ARG B 59 -35.05 1.38 -14.43
CA ARG B 59 -33.83 1.44 -15.21
C ARG B 59 -32.88 2.57 -14.85
N GLU B 60 -33.39 3.66 -14.30
CA GLU B 60 -32.56 4.78 -13.85
C GLU B 60 -32.29 4.64 -12.35
N ILE B 61 -31.03 4.45 -11.99
CA ILE B 61 -30.68 4.03 -10.66
C ILE B 61 -29.44 4.75 -10.13
N LEU B 62 -29.53 5.22 -8.88
CA LEU B 62 -28.43 5.86 -8.16
C LEU B 62 -27.81 4.90 -7.14
N ILE B 63 -26.50 4.63 -7.31
CA ILE B 63 -25.73 3.81 -6.39
C ILE B 63 -25.01 4.76 -5.42
N ILE B 64 -25.36 4.66 -4.14
CA ILE B 64 -24.73 5.42 -3.08
C ILE B 64 -23.85 4.53 -2.26
N SER B 65 -22.59 4.92 -2.10
CA SER B 65 -21.60 4.17 -1.36
C SER B 65 -20.67 5.10 -0.63
N THR B 66 -19.70 4.53 0.10
CA THR B 66 -18.64 5.32 0.74
C THR B 66 -17.77 6.03 -0.28
N PRO B 67 -17.03 7.05 0.14
CA PRO B 67 -16.09 7.68 -0.85
C PRO B 67 -15.00 6.69 -1.37
N GLN B 68 -14.56 5.80 -0.51
CA GLN B 68 -13.52 4.83 -0.82
C GLN B 68 -14.04 3.82 -1.83
N ASP B 69 -15.28 3.38 -1.63
CA ASP B 69 -15.82 2.26 -2.42
C ASP B 69 -16.47 2.66 -3.74
N THR B 70 -16.84 3.93 -3.89
CA THR B 70 -17.54 4.38 -5.13
C THR B 70 -16.82 4.00 -6.42
N PRO B 71 -15.52 4.28 -6.53
CA PRO B 71 -14.73 3.87 -7.70
C PRO B 71 -14.80 2.41 -8.02
N ARG B 72 -14.85 1.59 -6.97
CA ARG B 72 -14.98 0.15 -7.11
C ARG B 72 -16.34 -0.27 -7.71
N PHE B 73 -17.41 0.32 -7.22
CA PHE B 73 -18.74 0.00 -7.78
C PHE B 73 -18.82 0.45 -9.25
N GLN B 74 -18.23 1.61 -9.54
CA GLN B 74 -18.18 2.18 -10.87
C GLN B 74 -17.47 1.28 -11.86
N GLN B 75 -16.32 0.75 -11.47
CA GLN B 75 -15.64 -0.22 -12.36
C GLN B 75 -16.43 -1.53 -12.54
N LEU B 76 -17.10 -2.00 -11.48
CA LEU B 76 -17.90 -3.23 -11.57
C LEU B 76 -19.07 -3.03 -12.57
N LEU B 77 -19.78 -1.92 -12.41
CA LEU B 77 -21.06 -1.70 -13.07
C LEU B 77 -21.09 -0.68 -14.23
N GLY B 78 -20.17 0.28 -14.24
CA GLY B 78 -20.10 1.32 -15.28
C GLY B 78 -21.33 2.23 -15.28
N ASP B 79 -21.69 2.74 -16.47
CA ASP B 79 -22.87 3.60 -16.58
C ASP B 79 -24.18 2.81 -16.79
N GLY B 80 -24.03 1.48 -16.86
CA GLY B 80 -25.15 0.55 -17.01
C GLY B 80 -25.56 0.28 -18.45
N SER B 81 -25.10 1.13 -19.37
CA SER B 81 -25.53 1.13 -20.78
C SER B 81 -25.41 -0.26 -21.42
N ASN B 82 -24.46 -1.07 -21.02
CA ASN B 82 -24.39 -2.47 -21.49
C ASN B 82 -25.55 -3.37 -21.08
N TRP B 83 -26.27 -2.99 -20.02
CA TRP B 83 -27.41 -3.77 -19.56
C TRP B 83 -28.70 -3.01 -19.75
N GLY B 84 -28.68 -1.94 -20.53
CA GLY B 84 -29.90 -1.19 -20.82
C GLY B 84 -30.36 -0.33 -19.65
N LEU B 85 -29.40 0.06 -18.82
CA LEU B 85 -29.67 0.87 -17.63
C LEU B 85 -28.89 2.17 -17.69
N ASP B 86 -29.25 3.04 -16.76
CA ASP B 86 -28.63 4.35 -16.64
C ASP B 86 -28.28 4.51 -15.18
N LEU B 87 -27.01 4.17 -14.88
CA LEU B 87 -26.53 4.17 -13.53
C LEU B 87 -25.74 5.43 -13.27
N GLN B 88 -26.03 6.06 -12.13
CA GLN B 88 -25.28 7.21 -11.64
C GLN B 88 -24.77 6.92 -10.26
N TYR B 89 -23.84 7.74 -9.80
CA TYR B 89 -23.19 7.48 -8.51
C TYR B 89 -23.12 8.69 -7.61
N ALA B 90 -23.17 8.41 -6.31
CA ALA B 90 -23.03 9.44 -5.30
C ALA B 90 -22.44 8.84 -4.02
N VAL B 91 -21.91 9.70 -3.16
CA VAL B 91 -21.19 9.24 -1.97
C VAL B 91 -21.96 9.58 -0.72
N GLN B 92 -21.84 8.72 0.29
CA GLN B 92 -22.29 9.03 1.67
C GLN B 92 -21.07 9.14 2.62
N PRO B 93 -20.64 10.37 2.94
CA PRO B 93 -19.37 10.56 3.71
C PRO B 93 -19.34 9.83 5.05
N SER B 94 -20.50 9.73 5.68
CA SER B 94 -20.60 9.17 7.01
C SER B 94 -21.93 8.39 7.11
N PRO B 95 -21.95 7.23 7.79
CA PRO B 95 -23.17 6.43 7.84
C PRO B 95 -24.21 7.01 8.82
N ASP B 96 -24.80 8.14 8.44
CA ASP B 96 -25.68 8.92 9.30
C ASP B 96 -27.15 8.56 9.14
N GLY B 97 -27.44 7.34 8.67
CA GLY B 97 -28.77 6.79 8.61
C GLY B 97 -29.25 6.54 7.19
N LEU B 98 -30.13 5.54 7.03
CA LEU B 98 -30.63 5.17 5.71
C LEU B 98 -31.44 6.30 5.01
N ALA B 99 -32.19 7.10 5.78
CA ALA B 99 -33.00 8.22 5.21
C ALA B 99 -32.14 9.30 4.46
N GLN B 100 -30.89 9.42 4.86
CA GLN B 100 -29.94 10.32 4.23
C GLN B 100 -29.83 10.09 2.70
N ALA B 101 -30.16 8.90 2.24
CA ALA B 101 -30.24 8.60 0.81
C ALA B 101 -31.08 9.57 0.01
N PHE B 102 -32.18 10.06 0.61
CA PHE B 102 -33.07 11.03 -0.05
C PHE B 102 -32.55 12.48 -0.12
N LEU B 103 -31.67 12.85 0.80
CA LEU B 103 -31.00 14.16 0.73
C LEU B 103 -29.89 14.11 -0.33
N ILE B 104 -29.05 13.07 -0.23
CA ILE B 104 -27.95 12.82 -1.15
C ILE B 104 -28.53 12.62 -2.54
N GLY B 105 -29.62 11.86 -2.60
CA GLY B 105 -30.33 11.61 -3.87
C GLY B 105 -31.34 12.65 -4.36
N GLU B 106 -31.45 13.77 -3.66
CA GLU B 106 -32.44 14.80 -3.99
C GLU B 106 -32.48 15.17 -5.47
N SER B 107 -31.37 15.64 -6.03
CA SER B 107 -31.43 16.14 -7.43
C SER B 107 -31.58 15.00 -8.45
N PHE B 108 -31.05 13.83 -8.12
CA PHE B 108 -31.25 12.64 -8.95
C PHE B 108 -32.76 12.29 -9.04
N ILE B 109 -33.46 12.30 -7.90
CA ILE B 109 -34.90 11.98 -7.87
C ILE B 109 -35.71 13.02 -8.66
N GLY B 110 -35.34 14.29 -8.50
CA GLY B 110 -36.05 15.38 -9.13
C GLY B 110 -37.54 15.33 -8.70
N ASN B 111 -38.45 15.40 -9.68
CA ASN B 111 -39.88 15.35 -9.37
C ASN B 111 -40.51 13.97 -9.67
N ASP B 112 -39.68 12.92 -9.70
CA ASP B 112 -40.17 11.59 -9.95
C ASP B 112 -40.50 10.80 -8.70
N LEU B 113 -41.15 9.67 -8.92
CA LEU B 113 -41.38 8.65 -7.90
C LEU B 113 -40.07 7.92 -7.72
N SER B 114 -39.89 7.31 -6.56
CA SER B 114 -38.67 6.62 -6.26
C SER B 114 -38.86 5.23 -5.63
N ALA B 115 -37.73 4.53 -5.52
CA ALA B 115 -37.65 3.25 -4.82
C ALA B 115 -36.25 3.11 -4.25
N LEU B 116 -36.19 2.77 -2.97
CA LEU B 116 -34.95 2.52 -2.28
C LEU B 116 -34.84 1.04 -1.90
N VAL B 117 -33.66 0.49 -2.16
CA VAL B 117 -33.34 -0.86 -1.78
C VAL B 117 -31.99 -0.87 -1.05
N LEU B 118 -31.88 -1.70 -0.01
CA LEU B 118 -30.65 -1.78 0.69
C LEU B 118 -29.71 -2.67 -0.09
N GLY B 119 -28.46 -2.27 -0.11
CA GLY B 119 -27.41 -2.90 -0.85
C GLY B 119 -27.10 -4.31 -0.43
N ASP B 120 -27.49 -4.71 0.77
CA ASP B 120 -27.19 -6.04 1.27
C ASP B 120 -28.43 -6.94 1.46
N ASN B 121 -29.53 -6.56 0.79
CA ASN B 121 -30.81 -7.25 0.90
C ASN B 121 -31.01 -8.16 -0.26
N LEU B 122 -31.19 -9.44 0.06
CA LEU B 122 -31.45 -10.52 -0.90
C LEU B 122 -32.90 -11.05 -0.80
N TYR B 123 -33.60 -11.06 -1.94
CA TYR B 123 -34.96 -11.60 -2.02
C TYR B 123 -35.00 -12.74 -3.03
N TYR B 124 -35.79 -13.76 -2.70
CA TYR B 124 -36.12 -14.79 -3.68
C TYR B 124 -37.54 -15.30 -3.53
N GLY B 125 -38.24 -15.45 -4.65
CA GLY B 125 -39.46 -16.29 -4.68
C GLY B 125 -40.35 -16.15 -5.89
N HIS B 126 -41.46 -16.90 -5.89
CA HIS B 126 -42.40 -16.96 -7.03
C HIS B 126 -43.25 -15.71 -7.21
N ASP B 127 -43.32 -15.25 -8.44
CA ASP B 127 -44.11 -14.08 -8.76
C ASP B 127 -43.56 -12.84 -8.04
N PHE B 128 -42.26 -12.78 -7.86
CA PHE B 128 -41.65 -11.63 -7.23
C PHE B 128 -41.83 -10.40 -8.11
N HIS B 129 -41.71 -10.59 -9.42
CA HIS B 129 -41.99 -9.55 -10.42
C HIS B 129 -43.37 -8.90 -10.22
N GLU B 130 -44.39 -9.73 -9.97
CA GLU B 130 -45.78 -9.27 -9.77
C GLU B 130 -45.96 -8.52 -8.45
N LEU B 131 -45.38 -9.05 -7.37
CA LEU B 131 -45.43 -8.39 -6.06
C LEU B 131 -44.83 -6.98 -6.05
N LEU B 132 -43.75 -6.80 -6.78
CA LEU B 132 -43.12 -5.46 -7.00
C LEU B 132 -43.95 -4.55 -7.94
N GLY B 133 -44.54 -5.18 -8.96
CA GLY B 133 -45.40 -4.52 -9.93
C GLY B 133 -46.51 -3.74 -9.25
N SER B 134 -47.23 -4.37 -8.34
CA SER B 134 -48.33 -3.69 -7.70
C SER B 134 -47.81 -2.56 -6.77
N ALA B 135 -46.61 -2.69 -6.20
CA ALA B 135 -46.07 -1.59 -5.37
C ALA B 135 -45.63 -0.43 -6.25
N SER B 136 -44.90 -0.70 -7.33
CA SER B 136 -44.43 0.37 -8.21
C SER B 136 -45.56 1.00 -9.00
N GLN B 137 -46.68 0.30 -9.17
CA GLN B 137 -47.91 0.83 -9.84
C GLN B 137 -48.70 1.87 -9.03
N ARG B 138 -48.68 1.76 -7.70
CA ARG B 138 -49.37 2.76 -6.86
C ARG B 138 -48.58 4.07 -6.94
N GLN B 139 -49.17 5.10 -7.52
CA GLN B 139 -48.51 6.37 -7.84
C GLN B 139 -48.52 7.39 -6.70
N THR B 140 -49.35 7.18 -5.67
CA THR B 140 -49.30 8.02 -4.45
C THR B 140 -49.06 7.17 -3.23
N GLY B 141 -48.60 7.84 -2.20
CA GLY B 141 -48.20 7.20 -0.97
C GLY B 141 -46.88 6.41 -1.08
N ALA B 142 -46.65 5.63 -0.03
CA ALA B 142 -45.49 4.78 0.12
C ALA B 142 -45.96 3.32 0.21
N SER B 143 -45.15 2.42 -0.37
CA SER B 143 -45.33 0.94 -0.15
C SER B 143 -44.08 0.30 0.48
N VAL B 144 -44.28 -0.49 1.54
CA VAL B 144 -43.27 -1.34 2.11
C VAL B 144 -43.77 -2.79 2.32
N PHE B 145 -42.83 -3.67 2.67
CA PHE B 145 -43.12 -5.05 2.88
C PHE B 145 -42.75 -5.44 4.29
N ALA B 146 -43.61 -6.28 4.88
CA ALA B 146 -43.40 -6.87 6.19
C ALA B 146 -43.24 -8.38 6.07
N TYR B 147 -42.27 -8.92 6.82
CA TYR B 147 -41.87 -10.29 6.72
C TYR B 147 -41.71 -10.85 8.12
N HIS B 148 -42.32 -12.01 8.36
CA HIS B 148 -42.18 -12.65 9.65
C HIS B 148 -40.73 -13.11 9.89
N VAL B 149 -40.11 -12.71 11.01
CA VAL B 149 -38.74 -13.14 11.38
C VAL B 149 -38.65 -13.55 12.84
N LEU B 150 -37.56 -14.28 13.15
CA LEU B 150 -37.29 -14.75 14.51
C LEU B 150 -36.89 -13.60 15.43
N ASP B 151 -36.25 -12.57 14.87
CA ASP B 151 -35.55 -11.59 15.69
C ASP B 151 -35.96 -10.16 15.32
N PRO B 152 -37.24 -9.81 15.54
CA PRO B 152 -37.72 -8.54 15.05
C PRO B 152 -37.03 -7.31 15.67
N GLU B 153 -36.44 -7.47 16.88
CA GLU B 153 -35.59 -6.42 17.58
C GLU B 153 -34.55 -5.75 16.70
N ARG B 154 -34.12 -6.44 15.64
CA ARG B 154 -33.04 -5.89 14.82
C ARG B 154 -33.52 -4.87 13.84
N TYR B 155 -34.83 -4.83 13.62
CA TYR B 155 -35.41 -4.13 12.51
C TYR B 155 -36.51 -3.14 12.93
N GLY B 156 -37.05 -2.49 11.92
CA GLY B 156 -38.27 -1.74 12.04
C GLY B 156 -39.39 -2.77 12.14
N VAL B 157 -40.19 -2.66 13.19
CA VAL B 157 -41.25 -3.60 13.47
C VAL B 157 -42.63 -2.95 13.23
N VAL B 158 -43.49 -3.64 12.49
CA VAL B 158 -44.87 -3.22 12.17
C VAL B 158 -45.82 -3.92 13.12
N GLU B 159 -46.76 -3.18 13.70
CA GLU B 159 -47.80 -3.72 14.57
C GLU B 159 -49.08 -3.59 13.80
N PHE B 160 -49.82 -4.69 13.80
CA PHE B 160 -51.10 -4.76 13.11
C PHE B 160 -52.27 -4.85 14.13
N ASP B 161 -53.41 -4.25 13.81
CA ASP B 161 -54.64 -4.50 14.58
C ASP B 161 -55.26 -5.85 14.19
N GLN B 162 -56.36 -6.19 14.85
CA GLN B 162 -57.10 -7.44 14.58
C GLN B 162 -57.63 -7.57 13.18
N GLY B 163 -57.87 -6.46 12.52
CA GLY B 163 -58.27 -6.44 11.10
C GLY B 163 -57.09 -6.47 10.12
N GLY B 164 -55.88 -6.62 10.63
CA GLY B 164 -54.70 -6.61 9.73
C GLY B 164 -54.26 -5.22 9.25
N LYS B 165 -54.82 -4.14 9.81
CA LYS B 165 -54.33 -2.79 9.53
C LYS B 165 -53.06 -2.42 10.35
N ALA B 166 -52.07 -1.86 9.64
CA ALA B 166 -50.86 -1.37 10.28
C ALA B 166 -51.19 -0.12 11.08
N ILE B 167 -50.84 -0.15 12.37
CA ILE B 167 -51.11 0.93 13.33
C ILE B 167 -49.91 1.55 14.02
N SER B 168 -48.78 0.84 14.08
CA SER B 168 -47.52 1.43 14.58
C SER B 168 -46.24 0.86 13.97
N LEU B 169 -45.20 1.67 14.04
CA LEU B 169 -43.89 1.35 13.56
C LEU B 169 -42.90 1.73 14.64
N GLU B 170 -41.97 0.82 14.94
CA GLU B 170 -40.89 1.07 15.92
C GLU B 170 -39.54 0.55 15.39
N GLU B 171 -38.51 1.40 15.48
CA GLU B 171 -37.16 1.05 15.06
C GLU B 171 -36.43 0.35 16.19
N LYS B 172 -36.11 -0.92 15.95
CA LYS B 172 -35.31 -1.70 16.87
C LYS B 172 -35.90 -1.65 18.29
N PRO B 173 -37.21 -1.88 18.42
CA PRO B 173 -37.75 -1.83 19.80
C PRO B 173 -37.18 -2.96 20.66
N LEU B 174 -36.99 -2.67 21.96
CA LEU B 174 -36.58 -3.71 22.92
C LEU B 174 -37.67 -4.73 23.22
N GLU B 175 -38.91 -4.33 23.06
CA GLU B 175 -40.04 -5.23 23.22
C GLU B 175 -40.93 -5.16 21.96
N PRO B 176 -40.57 -5.94 20.93
CA PRO B 176 -41.31 -5.82 19.69
C PRO B 176 -42.76 -6.18 19.89
N LYS B 177 -43.62 -5.44 19.21
CA LYS B 177 -45.04 -5.68 19.26
C LYS B 177 -45.50 -6.85 18.41
N SER B 178 -44.70 -7.23 17.43
CA SER B 178 -45.02 -8.41 16.59
C SER B 178 -43.71 -8.94 16.09
N ASN B 179 -43.77 -10.00 15.31
CA ASN B 179 -42.61 -10.54 14.66
C ASN B 179 -42.47 -10.08 13.22
N TYR B 180 -43.28 -9.10 12.79
CA TYR B 180 -43.21 -8.62 11.42
C TYR B 180 -42.21 -7.49 11.23
N ALA B 181 -41.17 -7.77 10.44
CA ALA B 181 -40.09 -6.82 10.19
C ALA B 181 -40.23 -6.16 8.85
N VAL B 182 -39.83 -4.89 8.81
CA VAL B 182 -39.92 -4.15 7.59
C VAL B 182 -38.71 -4.48 6.75
N THR B 183 -38.92 -4.95 5.54
CA THR B 183 -37.80 -5.35 4.70
C THR B 183 -37.11 -4.15 4.06
N GLY B 184 -35.94 -4.38 3.45
CA GLY B 184 -35.08 -3.26 2.94
C GLY B 184 -35.41 -2.87 1.52
N LEU B 185 -36.71 -2.71 1.25
CA LEU B 185 -37.21 -2.38 -0.06
C LEU B 185 -38.37 -1.47 0.16
N TYR B 186 -38.26 -0.28 -0.41
CA TYR B 186 -39.19 0.82 -0.13
C TYR B 186 -39.55 1.57 -1.44
N PHE B 187 -40.84 1.80 -1.61
CA PHE B 187 -41.41 2.60 -2.74
C PHE B 187 -42.09 3.87 -2.19
N TYR B 188 -41.82 5.00 -2.85
CA TYR B 188 -42.25 6.31 -2.39
C TYR B 188 -42.75 7.16 -3.54
N ASP B 189 -43.71 8.01 -3.21
CA ASP B 189 -44.14 9.08 -4.12
C ASP B 189 -43.20 10.33 -4.05
N GLN B 190 -43.68 11.46 -4.60
CA GLN B 190 -42.92 12.72 -4.61
C GLN B 190 -42.80 13.41 -3.30
N GLN B 191 -43.45 12.90 -2.25
CA GLN B 191 -43.39 13.54 -0.90
C GLN B 191 -42.16 13.19 -0.07
N VAL B 192 -41.41 12.16 -0.49
CA VAL B 192 -40.36 11.60 0.37
C VAL B 192 -39.14 12.52 0.61
N VAL B 193 -38.68 13.22 -0.44
CA VAL B 193 -37.57 14.18 -0.25
C VAL B 193 -37.90 15.20 0.86
N ASP B 194 -39.11 15.78 0.79
CA ASP B 194 -39.57 16.81 1.76
C ASP B 194 -39.72 16.29 3.18
N ILE B 195 -40.27 15.08 3.30
CA ILE B 195 -40.34 14.37 4.58
C ILE B 195 -38.95 14.11 5.10
N ALA B 196 -38.04 13.71 4.21
CA ALA B 196 -36.63 13.46 4.60
C ALA B 196 -35.89 14.72 5.08
N ARG B 197 -36.07 15.84 4.36
CA ARG B 197 -35.53 17.16 4.75
C ARG B 197 -35.89 17.61 6.19
N ASP B 198 -37.13 17.33 6.59
CA ASP B 198 -37.64 17.71 7.92
C ASP B 198 -37.31 16.78 9.06
N LEU B 199 -36.63 15.65 8.79
CA LEU B 199 -36.27 14.73 9.88
C LEU B 199 -35.15 15.26 10.74
N LYS B 200 -35.19 14.87 12.01
CA LYS B 200 -34.16 15.18 12.99
C LYS B 200 -33.43 13.88 13.31
N PRO B 201 -32.13 13.94 13.65
CA PRO B 201 -31.42 12.69 14.04
C PRO B 201 -32.09 11.97 15.22
N SER B 202 -31.94 10.65 15.29
CA SER B 202 -32.56 9.88 16.36
C SER B 202 -31.63 9.98 17.59
N PRO B 203 -32.01 9.37 18.73
CA PRO B 203 -31.04 9.28 19.84
C PRO B 203 -29.71 8.62 19.45
N ARG B 204 -29.75 7.74 18.45
CA ARG B 204 -28.57 7.07 17.91
C ARG B 204 -27.70 7.92 16.96
N GLY B 205 -28.15 9.11 16.58
CA GLY B 205 -27.43 9.98 15.62
C GLY B 205 -27.80 9.73 14.15
N GLU B 206 -28.89 8.99 13.89
CA GLU B 206 -29.28 8.60 12.52
C GLU B 206 -30.59 9.28 12.06
N LEU B 207 -30.62 9.62 10.79
CA LEU B 207 -31.83 9.90 10.06
C LEU B 207 -32.50 8.54 9.71
N GLU B 208 -33.55 8.22 10.42
CA GLU B 208 -34.12 6.90 10.40
C GLU B 208 -35.11 6.73 9.24
N ILE B 209 -34.98 5.63 8.48
CA ILE B 209 -35.98 5.26 7.50
C ILE B 209 -37.35 5.02 8.18
N THR B 210 -37.36 4.48 9.38
CA THR B 210 -38.65 4.23 10.08
C THR B 210 -39.44 5.54 10.36
N ASP B 211 -38.72 6.64 10.60
CA ASP B 211 -39.36 7.93 10.78
C ASP B 211 -40.04 8.35 9.50
N VAL B 212 -39.37 8.10 8.39
CA VAL B 212 -39.96 8.41 7.07
C VAL B 212 -41.26 7.61 6.88
N ASN B 213 -41.16 6.31 7.10
CA ASN B 213 -42.32 5.46 6.99
C ASN B 213 -43.40 5.83 8.03
N ARG B 214 -43.01 6.26 9.23
CA ARG B 214 -44.03 6.68 10.21
C ARG B 214 -44.85 7.89 9.72
N ALA B 215 -44.19 8.80 9.00
CA ALA B 215 -44.84 9.98 8.49
C ALA B 215 -45.83 9.65 7.42
N TYR B 216 -45.53 8.64 6.60
CA TYR B 216 -46.55 8.16 5.64
C TYR B 216 -47.70 7.47 6.38
N LEU B 217 -47.37 6.67 7.40
CA LEU B 217 -48.42 5.97 8.18
C LEU B 217 -49.39 6.96 8.87
N GLU B 218 -48.83 8.02 9.43
CA GLU B 218 -49.63 9.04 10.13
C GLU B 218 -50.65 9.76 9.23
N ARG B 219 -50.34 9.87 7.94
CA ARG B 219 -51.28 10.40 6.96
C ARG B 219 -52.13 9.34 6.28
N GLY B 220 -52.14 8.09 6.76
CA GLY B 220 -52.88 7.02 6.10
C GLY B 220 -52.37 6.69 4.70
N GLN B 221 -51.10 6.97 4.38
CA GLN B 221 -50.61 6.78 2.99
C GLN B 221 -49.51 5.69 2.88
N LEU B 222 -49.43 4.83 3.90
CA LEU B 222 -48.49 3.73 3.94
C LEU B 222 -49.17 2.40 3.70
N SER B 223 -48.86 1.83 2.58
CA SER B 223 -49.25 0.47 2.29
C SER B 223 -48.17 -0.48 2.84
N VAL B 224 -48.63 -1.46 3.62
CA VAL B 224 -47.81 -2.49 4.16
C VAL B 224 -48.31 -3.80 3.64
N GLU B 225 -47.64 -4.30 2.61
CA GLU B 225 -47.98 -5.60 2.07
C GLU B 225 -47.13 -6.64 2.84
N ILE B 226 -47.75 -7.78 3.14
CA ILE B 226 -47.06 -8.92 3.68
C ILE B 226 -46.29 -9.59 2.57
N MET B 227 -45.02 -9.86 2.84
CA MET B 227 -44.21 -10.67 1.96
C MET B 227 -44.31 -12.02 2.67
N GLY B 228 -45.04 -12.96 2.05
CA GLY B 228 -45.31 -14.22 2.69
C GLY B 228 -44.06 -15.11 2.95
N ARG B 229 -44.32 -16.12 3.76
CA ARG B 229 -43.40 -17.11 4.16
C ARG B 229 -42.83 -17.97 3.03
N GLY B 230 -43.56 -18.03 1.91
CA GLY B 230 -43.04 -18.67 0.69
C GLY B 230 -41.99 -17.86 -0.05
N TYR B 231 -41.77 -16.60 0.32
CA TYR B 231 -40.57 -15.86 -0.13
C TYR B 231 -39.41 -16.01 0.87
N ALA B 232 -38.19 -16.12 0.35
CA ALA B 232 -37.03 -15.93 1.13
C ALA B 232 -36.54 -14.45 1.10
N TRP B 233 -36.43 -13.86 2.29
CA TRP B 233 -35.72 -12.62 2.54
C TRP B 233 -34.47 -12.96 3.40
N LEU B 234 -33.30 -13.00 2.74
CA LEU B 234 -32.09 -13.43 3.41
C LEU B 234 -31.27 -12.31 4.08
N ASP B 235 -30.76 -12.76 5.22
CA ASP B 235 -29.99 -11.99 6.13
C ASP B 235 -28.55 -12.05 5.63
N THR B 236 -27.95 -10.88 5.43
CA THR B 236 -26.53 -10.77 5.26
C THR B 236 -25.82 -9.98 6.35
N GLY B 237 -26.44 -9.88 7.50
CA GLY B 237 -25.88 -9.09 8.62
C GLY B 237 -24.76 -9.68 9.51
N THR B 238 -24.63 -11.00 9.51
CA THR B 238 -23.55 -11.70 10.17
C THR B 238 -22.72 -12.58 9.19
N HIS B 239 -21.52 -12.95 9.66
CA HIS B 239 -20.67 -13.91 8.96
C HIS B 239 -21.46 -15.16 8.75
N ASP B 240 -22.18 -15.59 9.77
CA ASP B 240 -23.00 -16.83 9.65
C ASP B 240 -24.14 -16.69 8.64
N SER B 241 -24.78 -15.54 8.60
CA SER B 241 -25.89 -15.36 7.68
C SER B 241 -25.40 -15.20 6.20
N LEU B 242 -24.30 -14.46 5.95
CA LEU B 242 -23.68 -14.31 4.57
C LEU B 242 -23.38 -15.69 3.94
N LEU B 243 -22.90 -16.55 4.79
CA LEU B 243 -22.62 -17.92 4.45
C LEU B 243 -23.85 -18.76 4.13
N GLU B 244 -24.86 -18.63 4.98
CA GLU B 244 -26.20 -19.23 4.73
C GLU B 244 -26.77 -18.80 3.37
N ALA B 245 -26.61 -17.50 3.03
CA ALA B 245 -27.15 -16.97 1.80
C ALA B 245 -26.46 -17.58 0.59
N GLY B 246 -25.13 -17.71 0.68
CA GLY B 246 -24.33 -18.37 -0.36
C GLY B 246 -24.81 -19.81 -0.58
N GLN B 247 -24.88 -20.59 0.48
CA GLN B 247 -25.40 -21.94 0.41
CA GLN B 247 -25.42 -21.97 0.41
C GLN B 247 -26.78 -22.02 -0.23
N PHE B 248 -27.61 -21.02 0.09
CA PHE B 248 -29.01 -21.00 -0.29
C PHE B 248 -29.11 -20.77 -1.79
N ILE B 249 -28.37 -19.79 -2.30
CA ILE B 249 -28.33 -19.54 -3.69
C ILE B 249 -27.71 -20.68 -4.47
N ALA B 250 -26.58 -21.18 -3.98
CA ALA B 250 -25.88 -22.27 -4.66
C ALA B 250 -26.84 -23.49 -4.80
N THR B 251 -27.61 -23.82 -3.77
CA THR B 251 -28.55 -24.95 -3.83
C THR B 251 -29.65 -24.73 -4.90
N LEU B 252 -30.18 -23.52 -5.00
CA LEU B 252 -31.16 -23.20 -6.02
C LEU B 252 -30.56 -23.23 -7.45
N GLU B 253 -29.42 -22.57 -7.63
CA GLU B 253 -28.75 -22.55 -8.90
C GLU B 253 -28.33 -23.92 -9.43
N ASN B 254 -27.74 -24.74 -8.62
CA ASN B 254 -27.26 -26.08 -9.03
C ASN B 254 -28.39 -27.11 -9.19
N ARG B 255 -29.51 -26.84 -8.55
CA ARG B 255 -30.68 -27.66 -8.78
C ARG B 255 -31.32 -27.37 -10.13
N GLN B 256 -31.39 -26.10 -10.48
CA GLN B 256 -32.21 -25.60 -11.59
C GLN B 256 -31.47 -25.48 -12.90
N GLY B 257 -30.15 -25.32 -12.79
CA GLY B 257 -29.33 -24.86 -13.92
C GLY B 257 -29.85 -23.52 -14.38
N LEU B 258 -30.32 -22.70 -13.44
CA LEU B 258 -30.73 -21.32 -13.70
C LEU B 258 -30.12 -20.44 -12.61
N LYS B 259 -29.96 -19.16 -12.92
CA LYS B 259 -29.40 -18.19 -11.99
C LYS B 259 -30.49 -17.33 -11.31
N VAL B 260 -30.24 -16.98 -10.05
CA VAL B 260 -30.96 -15.98 -9.33
C VAL B 260 -30.18 -14.67 -9.48
N ALA B 261 -30.87 -13.59 -9.83
CA ALA B 261 -30.32 -12.24 -9.89
C ALA B 261 -29.07 -12.14 -10.77
N CYS B 262 -29.21 -12.61 -12.00
CA CYS B 262 -28.28 -12.37 -13.05
C CYS B 262 -28.80 -11.14 -13.81
N PRO B 263 -28.16 -9.95 -13.66
CA PRO B 263 -28.64 -8.73 -14.30
C PRO B 263 -28.79 -8.82 -15.83
N GLU B 264 -27.81 -9.43 -16.49
CA GLU B 264 -27.83 -9.56 -17.95
C GLU B 264 -29.07 -10.29 -18.43
N GLU B 265 -29.42 -11.36 -17.73
CA GLU B 265 -30.62 -12.14 -18.04
C GLU B 265 -31.87 -11.28 -17.86
N ILE B 266 -31.92 -10.53 -16.76
CA ILE B 266 -33.10 -9.71 -16.45
C ILE B 266 -33.24 -8.65 -17.54
N ALA B 267 -32.13 -8.03 -17.92
CA ALA B 267 -32.19 -7.04 -18.99
C ALA B 267 -32.73 -7.62 -20.30
N TYR B 268 -32.22 -8.81 -20.65
CA TYR B 268 -32.63 -9.50 -21.86
C TYR B 268 -34.11 -9.84 -21.84
N ARG B 269 -34.60 -10.33 -20.70
CA ARG B 269 -36.01 -10.74 -20.64
C ARG B 269 -36.94 -9.55 -20.63
N GLN B 270 -36.48 -8.43 -20.08
CA GLN B 270 -37.23 -7.17 -20.11
C GLN B 270 -37.18 -6.46 -21.48
N LYS B 271 -36.35 -6.94 -22.40
CA LYS B 271 -36.17 -6.34 -23.73
C LYS B 271 -35.48 -4.96 -23.65
N TRP B 272 -34.68 -4.78 -22.62
CA TRP B 272 -33.83 -3.60 -22.47
C TRP B 272 -32.51 -3.78 -23.21
N ILE B 273 -32.15 -5.03 -23.47
CA ILE B 273 -31.06 -5.35 -24.42
C ILE B 273 -31.53 -6.44 -25.36
N ASP B 274 -30.90 -6.54 -26.54
CA ASP B 274 -31.33 -7.53 -27.55
C ASP B 274 -30.39 -8.75 -27.56
N ALA B 275 -30.73 -9.75 -28.37
CA ALA B 275 -29.93 -10.95 -28.51
C ALA B 275 -28.46 -10.68 -28.87
N ALA B 276 -28.25 -9.78 -29.80
CA ALA B 276 -26.88 -9.41 -30.24
C ALA B 276 -26.04 -8.84 -29.09
N GLN B 277 -26.64 -7.92 -28.33
CA GLN B 277 -25.98 -7.33 -27.16
C GLN B 277 -25.68 -8.37 -26.05
N LEU B 278 -26.64 -9.23 -25.74
CA LEU B 278 -26.38 -10.31 -24.80
C LEU B 278 -25.18 -11.17 -25.25
N GLU B 279 -25.09 -11.43 -26.53
CA GLU B 279 -24.00 -12.26 -27.06
C GLU B 279 -22.63 -11.64 -26.82
N LYS B 280 -22.57 -10.32 -26.94
CA LYS B 280 -21.31 -9.62 -26.71
C LYS B 280 -20.88 -9.73 -25.25
N LEU B 281 -21.85 -9.63 -24.36
CA LEU B 281 -21.59 -9.72 -22.90
C LEU B 281 -21.16 -11.11 -22.45
N ALA B 282 -21.63 -12.12 -23.18
CA ALA B 282 -21.19 -13.51 -22.97
C ALA B 282 -19.74 -13.75 -23.40
N ALA B 283 -19.26 -13.02 -24.39
CA ALA B 283 -17.90 -13.24 -25.01
C ALA B 283 -16.73 -13.24 -24.01
N PRO B 284 -16.54 -12.15 -23.24
CA PRO B 284 -15.40 -12.14 -22.29
C PRO B 284 -15.54 -13.07 -21.11
N LEU B 285 -16.71 -13.63 -20.89
CA LEU B 285 -16.94 -14.61 -19.82
C LEU B 285 -17.03 -16.06 -20.35
N ALA B 286 -16.72 -16.28 -21.63
CA ALA B 286 -17.01 -17.56 -22.34
C ALA B 286 -16.38 -18.82 -21.70
N LYS B 287 -15.22 -18.62 -21.09
CA LYS B 287 -14.47 -19.74 -20.51
C LYS B 287 -14.89 -20.12 -19.11
N ASN B 288 -15.90 -19.45 -18.55
CA ASN B 288 -16.47 -19.86 -17.28
C ASN B 288 -17.98 -20.07 -17.39
N GLY B 289 -18.54 -20.68 -16.34
CA GLY B 289 -19.94 -21.05 -16.25
C GLY B 289 -20.91 -19.91 -16.44
N TYR B 290 -20.51 -18.71 -16.01
CA TYR B 290 -21.37 -17.53 -16.05
C TYR B 290 -21.58 -17.07 -17.50
N GLY B 291 -20.49 -16.96 -18.26
CA GLY B 291 -20.58 -16.68 -19.71
C GLY B 291 -21.31 -17.75 -20.51
N GLN B 292 -21.00 -19.01 -20.21
CA GLN B 292 -21.69 -20.17 -20.84
C GLN B 292 -23.21 -20.08 -20.63
N TYR B 293 -23.60 -19.72 -19.41
CA TYR B 293 -25.01 -19.47 -19.06
C TYR B 293 -25.63 -18.34 -19.88
N LEU B 294 -24.96 -17.20 -20.00
CA LEU B 294 -25.46 -16.13 -20.90
C LEU B 294 -25.66 -16.56 -22.38
N LYS B 295 -24.69 -17.30 -22.89
CA LYS B 295 -24.80 -17.89 -24.20
C LYS B 295 -26.03 -18.84 -24.28
N ARG B 296 -26.13 -19.79 -23.34
CA ARG B 296 -27.26 -20.73 -23.30
C ARG B 296 -28.64 -20.01 -23.27
N LEU B 297 -28.70 -18.83 -22.66
CA LEU B 297 -29.94 -18.01 -22.70
C LEU B 297 -30.38 -17.52 -24.09
N LEU B 298 -29.45 -17.49 -25.07
CA LEU B 298 -29.82 -17.05 -26.42
C LEU B 298 -30.68 -18.09 -27.11
N THR B 299 -30.47 -19.36 -26.79
CA THR B 299 -31.13 -20.46 -27.49
C THR B 299 -32.17 -21.24 -26.72
N GLU B 300 -32.19 -21.15 -25.39
CA GLU B 300 -33.16 -21.91 -24.58
C GLU B 300 -34.42 -21.09 -24.30
N THR B 301 -35.57 -21.75 -24.32
CA THR B 301 -36.82 -21.17 -23.85
C THR B 301 -36.95 -21.52 -22.37
N VAL B 302 -37.16 -20.50 -21.54
CA VAL B 302 -37.27 -20.63 -20.08
C VAL B 302 -38.54 -19.90 -19.63
N TYR B 303 -39.49 -20.66 -19.10
CA TYR B 303 -40.81 -20.12 -18.74
C TYR B 303 -40.70 -19.38 -17.43
N HIS C 3 -25.77 6.50 -24.97
CA HIS C 3 -25.28 7.13 -23.69
C HIS C 3 -26.08 8.39 -23.29
N HIS C 4 -26.26 8.60 -21.99
CA HIS C 4 -26.98 9.75 -21.44
C HIS C 4 -25.98 10.54 -20.64
N HIS C 5 -26.01 11.87 -20.77
CA HIS C 5 -25.18 12.77 -19.93
C HIS C 5 -26.03 13.33 -18.78
N HIS C 6 -25.42 13.69 -17.65
CA HIS C 6 -26.20 14.12 -16.48
C HIS C 6 -25.67 15.41 -15.79
N LYS C 12 -15.21 16.18 -17.06
CA LYS C 12 -14.25 15.86 -16.00
C LYS C 12 -12.83 15.44 -16.47
N ARG C 13 -11.88 15.73 -15.59
CA ARG C 13 -10.48 15.70 -15.97
C ARG C 13 -9.70 14.80 -15.04
N LYS C 14 -8.95 13.86 -15.62
CA LYS C 14 -8.15 12.90 -14.85
C LYS C 14 -6.72 13.25 -14.91
N GLY C 15 -6.00 12.88 -13.87
CA GLY C 15 -4.59 13.17 -13.73
C GLY C 15 -3.68 11.98 -13.91
N ILE C 16 -2.48 12.23 -14.41
CA ILE C 16 -1.40 11.25 -14.45
C ILE C 16 -0.14 11.92 -13.91
N ILE C 17 0.49 11.29 -12.93
CA ILE C 17 1.83 11.65 -12.50
C ILE C 17 2.80 10.62 -13.04
N LEU C 18 3.76 11.08 -13.83
CA LEU C 18 4.77 10.16 -14.33
C LEU C 18 5.99 10.23 -13.42
N ALA C 19 6.17 9.19 -12.64
CA ALA C 19 7.22 9.10 -11.62
C ALA C 19 8.12 7.94 -11.97
N GLY C 20 8.77 8.12 -13.10
CA GLY C 20 9.48 7.03 -13.74
C GLY C 20 10.91 6.84 -13.27
N GLY C 21 11.54 5.90 -13.97
CA GLY C 21 12.88 5.48 -13.69
C GLY C 21 13.83 6.58 -14.06
N SER C 22 14.62 7.03 -13.08
CA SER C 22 15.60 8.11 -13.29
C SER C 22 17.02 7.54 -13.62
N GLY C 23 17.04 6.28 -14.05
CA GLY C 23 18.29 5.58 -14.35
C GLY C 23 19.27 5.60 -13.19
N THR C 24 20.55 5.52 -13.53
CA THR C 24 21.65 5.59 -12.58
C THR C 24 22.20 7.03 -12.35
N ARG C 25 21.60 8.05 -12.96
CA ARG C 25 22.18 9.41 -12.98
C ARG C 25 22.38 10.03 -11.57
N LEU C 26 21.53 9.67 -10.62
CA LEU C 26 21.60 10.17 -9.24
C LEU C 26 22.12 9.15 -8.23
N HIS C 27 22.66 8.04 -8.73
CA HIS C 27 23.25 7.01 -7.89
C HIS C 27 24.48 7.62 -7.25
N PRO C 28 24.76 7.27 -5.99
CA PRO C 28 24.08 6.22 -5.23
C PRO C 28 22.90 6.64 -4.33
N ALA C 29 22.59 7.94 -4.19
CA ALA C 29 21.40 8.41 -3.47
C ALA C 29 20.15 7.60 -3.86
N THR C 30 19.99 7.37 -5.16
CA THR C 30 18.83 6.64 -5.69
C THR C 30 18.94 5.08 -5.72
N LEU C 31 20.07 4.50 -5.31
CA LEU C 31 20.14 3.04 -5.16
C LEU C 31 19.15 2.57 -4.10
N ALA C 32 19.13 3.31 -2.98
CA ALA C 32 18.32 2.97 -1.82
C ALA C 32 16.84 3.17 -2.06
N ILE C 33 16.51 4.21 -2.84
CA ILE C 33 15.13 4.49 -3.23
C ILE C 33 15.00 5.38 -4.48
N SER C 34 13.91 5.22 -5.23
CA SER C 34 13.56 6.10 -6.34
C SER C 34 13.46 7.59 -6.00
N LYS C 35 13.72 8.38 -7.04
CA LYS C 35 13.89 9.81 -6.98
C LYS C 35 12.69 10.55 -6.41
N GLN C 36 11.51 10.20 -6.92
CA GLN C 36 10.30 10.89 -6.61
C GLN C 36 9.79 10.52 -5.21
N LEU C 37 10.52 9.64 -4.50
CA LEU C 37 10.40 9.47 -3.02
C LEU C 37 11.40 10.17 -2.13
N LEU C 38 12.44 10.74 -2.73
CA LEU C 38 13.37 11.58 -1.96
C LEU C 38 12.65 12.81 -1.48
N PRO C 39 12.95 13.25 -0.29
CA PRO C 39 12.25 14.42 0.12
C PRO C 39 12.82 15.72 -0.52
N VAL C 40 11.97 16.72 -0.67
CA VAL C 40 12.38 18.08 -0.88
C VAL C 40 12.02 18.78 0.41
N TYR C 41 13.04 19.03 1.21
CA TYR C 41 12.90 19.52 2.58
C TYR C 41 12.15 18.51 3.52
N ASP C 42 10.89 18.74 3.81
CA ASP C 42 10.21 17.99 4.85
C ASP C 42 9.30 16.88 4.30
N LYS C 43 9.09 16.84 2.98
CA LYS C 43 8.12 15.93 2.40
C LYS C 43 8.65 15.27 1.15
N PRO C 44 8.16 14.06 0.86
CA PRO C 44 8.54 13.40 -0.40
C PRO C 44 8.23 14.20 -1.67
N MET C 45 9.09 14.03 -2.66
CA MET C 45 9.02 14.78 -3.92
C MET C 45 7.66 14.71 -4.60
N ILE C 46 7.08 13.52 -4.56
CA ILE C 46 5.85 13.21 -5.20
C ILE C 46 4.73 14.09 -4.67
N TYR C 47 4.82 14.50 -3.42
CA TYR C 47 3.81 15.41 -2.81
C TYR C 47 3.58 16.74 -3.54
N TYR C 48 4.66 17.28 -4.15
CA TYR C 48 4.55 18.54 -4.95
C TYR C 48 3.70 18.45 -6.29
N PRO C 49 4.02 17.50 -7.19
CA PRO C 49 3.19 17.36 -8.39
C PRO C 49 1.81 16.88 -8.01
N LEU C 50 1.72 16.05 -6.98
CA LEU C 50 0.38 15.59 -6.57
C LEU C 50 -0.42 16.78 -6.11
N SER C 51 0.16 17.59 -5.23
CA SER C 51 -0.51 18.84 -4.78
C SER C 51 -0.90 19.76 -5.95
N THR C 52 -0.06 19.79 -6.99
CA THR C 52 -0.36 20.57 -8.20
C THR C 52 -1.62 20.09 -8.93
N LEU C 53 -1.71 18.79 -9.18
CA LEU C 53 -2.95 18.23 -9.71
C LEU C 53 -4.18 18.55 -8.85
N MET C 54 -4.06 18.38 -7.53
CA MET C 54 -5.19 18.67 -6.59
C MET C 54 -5.62 20.14 -6.71
N LEU C 55 -4.63 21.01 -6.81
CA LEU C 55 -4.89 22.45 -6.99
C LEU C 55 -5.56 22.78 -8.32
N ALA C 56 -5.22 22.00 -9.36
CA ALA C 56 -6.03 22.03 -10.60
C ALA C 56 -7.47 21.48 -10.50
N GLY C 57 -7.87 20.93 -9.35
CA GLY C 57 -9.23 20.36 -9.16
C GLY C 57 -9.37 18.86 -9.53
N ILE C 58 -8.23 18.20 -9.79
CA ILE C 58 -8.20 16.82 -10.25
C ILE C 58 -8.13 15.89 -9.06
N ARG C 59 -9.07 14.95 -9.00
CA ARG C 59 -9.13 13.97 -7.88
C ARG C 59 -8.78 12.56 -8.29
N GLU C 60 -8.97 12.23 -9.56
CA GLU C 60 -8.72 10.87 -10.10
C GLU C 60 -7.41 10.89 -10.78
N ILE C 61 -6.46 10.20 -10.20
CA ILE C 61 -5.07 10.32 -10.61
C ILE C 61 -4.36 8.96 -10.74
N LEU C 62 -3.64 8.77 -11.83
CA LEU C 62 -2.84 7.58 -12.13
C LEU C 62 -1.35 7.83 -11.91
N ILE C 63 -0.75 7.09 -10.99
CA ILE C 63 0.68 7.17 -10.70
C ILE C 63 1.35 6.07 -11.48
N ILE C 64 2.20 6.48 -12.42
CA ILE C 64 3.00 5.55 -13.21
C ILE C 64 4.43 5.58 -12.77
N SER C 65 4.95 4.41 -12.43
CA SER C 65 6.28 4.23 -11.87
C SER C 65 6.84 2.89 -12.33
N THR C 66 8.10 2.64 -11.99
CA THR C 66 8.75 1.36 -12.31
C THR C 66 8.06 0.19 -11.58
N PRO C 67 8.27 -1.05 -12.03
CA PRO C 67 7.69 -2.17 -11.27
C PRO C 67 8.19 -2.22 -9.83
N GLN C 68 9.45 -1.88 -9.61
CA GLN C 68 10.04 -1.95 -8.29
C GLN C 68 9.40 -0.89 -7.37
N ASP C 69 9.17 0.29 -7.90
CA ASP C 69 8.88 1.43 -7.10
C ASP C 69 7.40 1.57 -6.85
N THR C 70 6.58 0.93 -7.67
CA THR C 70 5.13 1.00 -7.53
C THR C 70 4.66 0.69 -6.10
N PRO C 71 5.13 -0.42 -5.51
CA PRO C 71 4.73 -0.78 -4.13
C PRO C 71 5.08 0.27 -3.12
N ARG C 72 6.20 0.96 -3.36
CA ARG C 72 6.68 2.03 -2.51
C ARG C 72 5.78 3.28 -2.53
N PHE C 73 5.34 3.67 -3.72
CA PHE C 73 4.42 4.79 -3.84
C PHE C 73 3.10 4.43 -3.23
N GLN C 74 2.68 3.20 -3.44
CA GLN C 74 1.41 2.68 -2.91
C GLN C 74 1.34 2.75 -1.39
N GLN C 75 2.40 2.34 -0.74
CA GLN C 75 2.49 2.42 0.68
C GLN C 75 2.43 3.86 1.20
N LEU C 76 3.12 4.75 0.48
CA LEU C 76 3.17 6.17 0.90
C LEU C 76 1.78 6.77 0.80
N LEU C 77 1.12 6.53 -0.34
CA LEU C 77 -0.11 7.23 -0.73
C LEU C 77 -1.42 6.45 -0.67
N GLY C 78 -1.37 5.10 -0.79
CA GLY C 78 -2.59 4.27 -0.72
C GLY C 78 -3.51 4.54 -1.89
N ASP C 79 -4.80 4.37 -1.65
CA ASP C 79 -5.78 4.63 -2.73
C ASP C 79 -6.21 6.10 -2.83
N GLY C 80 -5.68 6.92 -1.90
CA GLY C 80 -6.00 8.34 -1.82
C GLY C 80 -7.26 8.70 -1.07
N SER C 81 -8.10 7.71 -0.76
CA SER C 81 -9.39 7.91 -0.04
C SER C 81 -9.31 8.75 1.26
N ASN C 82 -8.22 8.68 2.00
CA ASN C 82 -8.03 9.59 3.20
C ASN C 82 -7.89 11.08 2.89
N TRP C 83 -7.54 11.39 1.64
CA TRP C 83 -7.41 12.77 1.21
C TRP C 83 -8.47 13.15 0.21
N GLY C 84 -9.48 12.30 0.04
CA GLY C 84 -10.59 12.61 -0.87
C GLY C 84 -10.28 12.41 -2.34
N LEU C 85 -9.32 11.53 -2.60
CA LEU C 85 -8.83 11.28 -3.92
C LEU C 85 -9.04 9.82 -4.27
N ASP C 86 -8.83 9.54 -5.56
CA ASP C 86 -8.94 8.21 -6.06
C ASP C 86 -7.65 8.01 -6.86
N LEU C 87 -6.68 7.37 -6.22
CA LEU C 87 -5.38 7.06 -6.83
C LEU C 87 -5.34 5.64 -7.32
N GLN C 88 -4.89 5.47 -8.56
CA GLN C 88 -4.65 4.18 -9.15
C GLN C 88 -3.20 4.10 -9.59
N TYR C 89 -2.75 2.88 -9.88
CA TYR C 89 -1.32 2.68 -10.15
C TYR C 89 -1.11 1.85 -11.39
N ALA C 90 -0.06 2.19 -12.10
CA ALA C 90 0.33 1.42 -13.25
C ALA C 90 1.84 1.42 -13.32
N VAL C 91 2.37 0.43 -14.07
CA VAL C 91 3.86 0.29 -14.20
C VAL C 91 4.35 0.63 -15.59
N GLN C 92 5.54 1.19 -15.65
CA GLN C 92 6.24 1.44 -16.90
C GLN C 92 7.46 0.52 -16.90
N PRO C 93 7.39 -0.62 -17.59
CA PRO C 93 8.51 -1.58 -17.61
C PRO C 93 9.88 -0.98 -18.06
N SER C 94 9.86 -0.05 -19.00
CA SER C 94 11.08 0.53 -19.56
C SER C 94 10.90 2.03 -19.81
N PRO C 95 11.91 2.88 -19.52
CA PRO C 95 11.72 4.35 -19.67
C PRO C 95 11.79 4.80 -21.15
N ASP C 96 10.75 4.47 -21.90
CA ASP C 96 10.69 4.67 -23.33
C ASP C 96 10.03 5.97 -23.75
N GLY C 97 10.05 6.98 -22.87
CA GLY C 97 9.58 8.34 -23.20
C GLY C 97 8.33 8.77 -22.46
N LEU C 98 8.21 10.08 -22.24
CA LEU C 98 7.10 10.61 -21.44
C LEU C 98 5.72 10.35 -22.10
N ALA C 99 5.65 10.38 -23.43
CA ALA C 99 4.37 10.18 -24.16
C ALA C 99 3.75 8.76 -23.98
N GLN C 100 4.60 7.80 -23.67
CA GLN C 100 4.20 6.45 -23.26
C GLN C 100 3.15 6.40 -22.12
N ALA C 101 3.15 7.44 -21.29
CA ALA C 101 2.12 7.62 -20.25
C ALA C 101 0.66 7.49 -20.77
N PHE C 102 0.42 7.96 -22.00
CA PHE C 102 -0.92 7.88 -22.63
C PHE C 102 -1.32 6.49 -23.16
N LEU C 103 -0.34 5.69 -23.54
CA LEU C 103 -0.61 4.29 -23.93
C LEU C 103 -0.86 3.42 -22.69
N ILE C 104 0.05 3.52 -21.71
CA ILE C 104 -0.09 2.88 -20.41
C ILE C 104 -1.38 3.35 -19.76
N GLY C 105 -1.63 4.65 -19.83
CA GLY C 105 -2.83 5.23 -19.18
C GLY C 105 -4.11 5.16 -19.97
N GLU C 106 -4.06 4.51 -21.14
CA GLU C 106 -5.21 4.49 -22.05
C GLU C 106 -6.52 4.19 -21.37
N SER C 107 -6.61 3.05 -20.71
CA SER C 107 -7.92 2.62 -20.17
C SER C 107 -8.32 3.46 -18.95
N PHE C 108 -7.32 3.93 -18.21
CA PHE C 108 -7.60 4.85 -17.09
C PHE C 108 -8.22 6.17 -17.58
N ILE C 109 -7.68 6.71 -18.67
CA ILE C 109 -8.24 7.96 -19.26
C ILE C 109 -9.65 7.76 -19.81
N GLY C 110 -9.84 6.64 -20.51
CA GLY C 110 -11.12 6.32 -21.10
C GLY C 110 -11.47 7.42 -22.08
N ASN C 111 -12.68 7.96 -21.96
CA ASN C 111 -13.10 9.04 -22.85
C ASN C 111 -13.08 10.43 -22.15
N ASP C 112 -12.30 10.57 -21.09
CA ASP C 112 -12.22 11.82 -20.38
C ASP C 112 -11.09 12.72 -20.85
N LEU C 113 -11.12 13.95 -20.36
CA LEU C 113 -10.00 14.91 -20.48
C LEU C 113 -8.92 14.49 -19.50
N SER C 114 -7.69 14.86 -19.79
CA SER C 114 -6.57 14.50 -18.96
C SER C 114 -5.61 15.66 -18.60
N ALA C 115 -4.70 15.38 -17.67
CA ALA C 115 -3.60 16.25 -17.31
C ALA C 115 -2.42 15.40 -16.88
N LEU C 116 -1.25 15.67 -17.46
CA LEU C 116 -0.01 14.99 -17.14
C LEU C 116 1.00 15.93 -16.48
N VAL C 117 1.59 15.44 -15.40
CA VAL C 117 2.54 16.20 -14.64
C VAL C 117 3.72 15.32 -14.39
N LEU C 118 4.92 15.89 -14.49
CA LEU C 118 6.10 15.13 -14.20
C LEU C 118 6.27 15.02 -12.72
N GLY C 119 6.72 13.84 -12.33
CA GLY C 119 6.91 13.49 -10.94
C GLY C 119 7.94 14.31 -10.19
N ASP C 120 8.87 14.93 -10.90
CA ASP C 120 9.95 15.68 -10.26
C ASP C 120 9.88 17.21 -10.55
N ASN C 121 8.69 17.67 -10.91
CA ASN C 121 8.43 19.09 -11.18
C ASN C 121 7.79 19.79 -9.98
N LEU C 122 8.46 20.82 -9.51
CA LEU C 122 8.00 21.63 -8.40
C LEU C 122 7.61 23.08 -8.84
N TYR C 123 6.39 23.53 -8.47
CA TYR C 123 5.91 24.86 -8.79
C TYR C 123 5.55 25.57 -7.53
N TYR C 124 5.79 26.88 -7.52
CA TYR C 124 5.29 27.76 -6.45
C TYR C 124 4.94 29.18 -6.93
N GLY C 125 3.78 29.70 -6.49
CA GLY C 125 3.51 31.11 -6.57
C GLY C 125 2.10 31.52 -6.36
N HIS C 126 1.88 32.83 -6.51
CA HIS C 126 0.59 33.46 -6.23
C HIS C 126 -0.46 33.18 -7.32
N ASP C 127 -1.66 32.82 -6.87
CA ASP C 127 -2.75 32.59 -7.78
C ASP C 127 -2.42 31.42 -8.69
N PHE C 128 -1.68 30.46 -8.17
CA PHE C 128 -1.36 29.26 -8.94
C PHE C 128 -2.62 28.46 -9.25
N HIS C 129 -3.51 28.41 -8.28
CA HIS C 129 -4.85 27.83 -8.45
C HIS C 129 -5.59 28.39 -9.71
N GLU C 130 -5.55 29.71 -9.86
CA GLU C 130 -6.26 30.43 -10.94
C GLU C 130 -5.63 30.18 -12.30
N LEU C 131 -4.30 30.18 -12.33
CA LEU C 131 -3.58 29.82 -13.55
C LEU C 131 -3.83 28.39 -14.10
N LEU C 132 -3.93 27.41 -13.21
CA LEU C 132 -4.36 26.05 -13.56
C LEU C 132 -5.85 25.93 -13.91
N GLY C 133 -6.69 26.67 -13.19
CA GLY C 133 -8.12 26.78 -13.46
C GLY C 133 -8.41 27.06 -14.93
N SER C 134 -7.79 28.11 -15.49
CA SER C 134 -8.05 28.51 -16.87
C SER C 134 -7.56 27.47 -17.88
N ALA C 135 -6.50 26.74 -17.56
CA ALA C 135 -6.10 25.61 -18.40
C ALA C 135 -7.08 24.41 -18.30
N SER C 136 -7.42 24.00 -17.10
CA SER C 136 -8.31 22.83 -16.93
C SER C 136 -9.75 23.12 -17.33
N GLN C 137 -10.13 24.40 -17.36
CA GLN C 137 -11.48 24.87 -17.83
C GLN C 137 -11.66 24.79 -19.36
N ARG C 138 -10.60 24.95 -20.14
CA ARG C 138 -10.71 24.81 -21.61
C ARG C 138 -10.91 23.31 -21.92
N GLN C 139 -12.08 22.96 -22.43
CA GLN C 139 -12.48 21.56 -22.65
C GLN C 139 -12.01 20.96 -24.01
N THR C 140 -11.53 21.78 -24.96
CA THR C 140 -10.93 21.24 -26.18
C THR C 140 -9.48 21.71 -26.35
N GLY C 141 -8.74 20.97 -27.15
CA GLY C 141 -7.36 21.23 -27.39
C GLY C 141 -6.47 20.83 -26.21
N ALA C 142 -5.25 21.33 -26.27
CA ALA C 142 -4.26 21.13 -25.26
C ALA C 142 -3.80 22.50 -24.70
N SER C 143 -3.44 22.51 -23.42
CA SER C 143 -2.79 23.68 -22.78
C SER C 143 -1.45 23.31 -22.12
N VAL C 144 -0.43 24.10 -22.43
CA VAL C 144 0.85 24.03 -21.77
C VAL C 144 1.32 25.39 -21.24
N PHE C 145 2.40 25.34 -20.46
CA PHE C 145 2.98 26.56 -19.88
C PHE C 145 4.42 26.72 -20.28
N ALA C 146 4.76 27.97 -20.60
CA ALA C 146 6.11 28.36 -20.98
C ALA C 146 6.70 29.24 -19.97
N TYR C 147 7.96 28.99 -19.63
CA TYR C 147 8.66 29.62 -18.49
C TYR C 147 10.05 30.02 -18.87
N HIS C 148 10.40 31.30 -18.63
CA HIS C 148 11.72 31.78 -19.04
C HIS C 148 12.77 31.06 -18.20
N VAL C 149 13.73 30.41 -18.84
CA VAL C 149 14.89 29.82 -18.13
C VAL C 149 16.27 30.16 -18.73
N LEU C 150 17.31 29.93 -17.94
CA LEU C 150 18.72 30.16 -18.32
C LEU C 150 19.19 29.15 -19.34
N ASP C 151 18.66 27.93 -19.28
CA ASP C 151 19.22 26.81 -20.01
C ASP C 151 18.13 26.12 -20.81
N PRO C 152 17.51 26.85 -21.77
CA PRO C 152 16.41 26.22 -22.51
C PRO C 152 16.73 24.87 -23.22
N GLU C 153 18.02 24.64 -23.56
CA GLU C 153 18.54 23.38 -24.18
C GLU C 153 18.08 22.11 -23.53
N ARG C 154 17.72 22.19 -22.27
CA ARG C 154 17.39 20.99 -21.52
C ARG C 154 15.97 20.55 -21.71
N TYR C 155 15.15 21.42 -22.29
CA TYR C 155 13.72 21.25 -22.38
C TYR C 155 13.16 21.33 -23.77
N GLY C 156 11.85 21.14 -23.82
CA GLY C 156 11.06 21.54 -24.99
C GLY C 156 11.04 23.07 -25.01
N VAL C 157 11.40 23.66 -26.13
CA VAL C 157 11.48 25.12 -26.30
C VAL C 157 10.34 25.57 -27.22
N VAL C 158 9.65 26.63 -26.82
CA VAL C 158 8.60 27.31 -27.63
C VAL C 158 9.19 28.56 -28.28
N GLU C 159 8.86 28.77 -29.56
CA GLU C 159 9.24 29.96 -30.32
C GLU C 159 7.97 30.73 -30.54
N PHE C 160 8.02 32.01 -30.26
CA PHE C 160 6.92 32.89 -30.47
C PHE C 160 7.19 33.87 -31.61
N ASP C 161 6.14 34.23 -32.36
CA ASP C 161 6.24 35.37 -33.31
C ASP C 161 6.10 36.71 -32.58
N GLN C 162 6.23 37.79 -33.33
CA GLN C 162 6.19 39.14 -32.74
C GLN C 162 4.88 39.50 -32.06
N GLY C 163 3.82 38.82 -32.47
CA GLY C 163 2.52 38.97 -31.83
C GLY C 163 2.35 38.07 -30.62
N GLY C 164 3.39 37.34 -30.24
CA GLY C 164 3.28 36.45 -29.09
C GLY C 164 2.56 35.13 -29.40
N LYS C 165 2.30 34.83 -30.66
CA LYS C 165 1.79 33.51 -31.04
C LYS C 165 2.92 32.42 -31.14
N ALA C 166 2.61 31.26 -30.57
CA ALA C 166 3.47 30.14 -30.64
C ALA C 166 3.45 29.58 -32.06
N ILE C 167 4.65 29.43 -32.64
CA ILE C 167 4.85 28.97 -34.02
C ILE C 167 5.73 27.73 -34.21
N SER C 168 6.56 27.40 -33.23
CA SER C 168 7.32 26.15 -33.26
C SER C 168 7.64 25.60 -31.88
N LEU C 169 7.92 24.30 -31.89
CA LEU C 169 8.31 23.54 -30.71
C LEU C 169 9.47 22.64 -31.05
N GLU C 170 10.49 22.61 -30.19
CA GLU C 170 11.66 21.78 -30.39
C GLU C 170 12.07 21.13 -29.08
N GLU C 171 12.32 19.82 -29.14
CA GLU C 171 12.83 19.09 -27.98
C GLU C 171 14.36 19.18 -27.86
N LYS C 172 14.81 19.80 -26.77
CA LYS C 172 16.21 19.84 -26.43
C LYS C 172 17.06 20.34 -27.58
N PRO C 173 16.66 21.46 -28.17
CA PRO C 173 17.42 21.87 -29.33
C PRO C 173 18.79 22.27 -28.82
N LEU C 174 19.82 21.97 -29.58
CA LEU C 174 21.14 22.50 -29.28
C LEU C 174 21.23 24.05 -29.46
N GLU C 175 20.41 24.61 -30.33
CA GLU C 175 20.41 26.03 -30.58
C GLU C 175 18.96 26.52 -30.40
N PRO C 176 18.60 26.75 -29.14
CA PRO C 176 17.25 27.18 -28.84
C PRO C 176 16.86 28.48 -29.51
N LYS C 177 15.62 28.53 -29.98
CA LYS C 177 15.04 29.72 -30.61
C LYS C 177 14.58 30.79 -29.63
N SER C 178 14.39 30.42 -28.37
CA SER C 178 14.06 31.40 -27.33
C SER C 178 14.49 30.81 -26.05
N ASN C 179 14.24 31.54 -24.98
CA ASN C 179 14.53 31.04 -23.64
C ASN C 179 13.28 30.53 -22.95
N TYR C 180 12.18 30.37 -23.69
CA TYR C 180 10.95 29.85 -23.13
C TYR C 180 10.85 28.33 -23.16
N ALA C 181 10.93 27.72 -21.98
CA ALA C 181 10.86 26.28 -21.84
C ALA C 181 9.44 25.83 -21.54
N VAL C 182 9.11 24.67 -22.04
CA VAL C 182 7.82 24.06 -21.76
C VAL C 182 7.88 23.34 -20.45
N THR C 183 7.05 23.72 -19.50
CA THR C 183 7.14 23.11 -18.16
C THR C 183 6.50 21.73 -18.17
N GLY C 184 6.69 20.98 -17.08
CA GLY C 184 6.29 19.55 -17.01
C GLY C 184 4.87 19.36 -16.53
N LEU C 185 4.00 20.20 -17.06
CA LEU C 185 2.60 20.21 -16.72
C LEU C 185 1.84 20.43 -17.99
N TYR C 186 0.96 19.47 -18.30
CA TYR C 186 0.27 19.40 -19.60
C TYR C 186 -1.23 19.04 -19.43
N PHE C 187 -2.10 19.80 -20.10
CA PHE C 187 -3.56 19.56 -20.15
C PHE C 187 -3.97 19.17 -21.56
N TYR C 188 -4.77 18.10 -21.67
CA TYR C 188 -5.19 17.52 -22.94
C TYR C 188 -6.69 17.20 -23.01
N ASP C 189 -7.23 17.32 -24.23
CA ASP C 189 -8.59 16.83 -24.51
C ASP C 189 -8.59 15.32 -24.82
N GLN C 190 -9.71 14.84 -25.34
CA GLN C 190 -9.87 13.42 -25.70
C GLN C 190 -9.04 12.94 -26.87
N GLN C 191 -8.34 13.84 -27.57
CA GLN C 191 -7.54 13.45 -28.77
C GLN C 191 -6.17 12.88 -28.47
N VAL C 192 -5.71 13.02 -27.24
CA VAL C 192 -4.34 12.74 -26.94
C VAL C 192 -3.94 11.25 -27.06
N VAL C 193 -4.81 10.34 -26.61
CA VAL C 193 -4.50 8.90 -26.72
C VAL C 193 -4.20 8.50 -28.17
N ASP C 194 -5.06 8.97 -29.09
CA ASP C 194 -4.92 8.68 -30.53
C ASP C 194 -3.69 9.32 -31.21
N ILE C 195 -3.41 10.58 -30.86
CA ILE C 195 -2.14 11.25 -31.21
C ILE C 195 -0.94 10.46 -30.65
N ALA C 196 -1.05 9.98 -29.43
CA ALA C 196 0.03 9.19 -28.80
C ALA C 196 0.26 7.85 -29.49
N ARG C 197 -0.82 7.15 -29.82
CA ARG C 197 -0.71 5.86 -30.55
C ARG C 197 0.02 5.97 -31.90
N ASP C 198 -0.18 7.08 -32.63
CA ASP C 198 0.47 7.31 -33.96
C ASP C 198 1.91 7.84 -33.91
N LEU C 199 2.46 8.08 -32.72
CA LEU C 199 3.87 8.52 -32.63
C LEU C 199 4.85 7.40 -32.92
N LYS C 200 5.99 7.76 -33.50
CA LYS C 200 7.10 6.84 -33.74
C LYS C 200 8.24 7.25 -32.79
N PRO C 201 9.07 6.28 -32.31
CA PRO C 201 10.21 6.67 -31.42
C PRO C 201 11.11 7.74 -32.05
N SER C 202 11.74 8.56 -31.23
CA SER C 202 12.58 9.63 -31.76
C SER C 202 13.92 8.99 -32.13
N PRO C 203 14.85 9.77 -32.72
CA PRO C 203 16.21 9.25 -32.85
C PRO C 203 16.81 8.70 -31.53
N ARG C 204 16.37 9.26 -30.40
CA ARG C 204 16.79 8.85 -29.04
C ARG C 204 16.13 7.57 -28.46
N GLY C 205 15.16 7.02 -29.17
CA GLY C 205 14.43 5.83 -28.72
C GLY C 205 13.21 6.13 -27.86
N GLU C 206 12.78 7.39 -27.81
CA GLU C 206 11.68 7.84 -26.93
C GLU C 206 10.43 8.33 -27.69
N LEU C 207 9.26 8.02 -27.11
CA LEU C 207 8.00 8.63 -27.49
C LEU C 207 7.98 10.01 -26.83
N GLU C 208 8.17 11.05 -27.63
CA GLU C 208 8.40 12.39 -27.12
C GLU C 208 7.10 13.16 -26.82
N ILE C 209 7.02 13.76 -25.62
CA ILE C 209 5.91 14.66 -25.32
C ILE C 209 5.84 15.86 -26.30
N THR C 210 6.98 16.36 -26.74
CA THR C 210 7.01 17.49 -27.66
C THR C 210 6.32 17.16 -29.02
N ASP C 211 6.41 15.90 -29.44
CA ASP C 211 5.75 15.46 -30.66
C ASP C 211 4.24 15.54 -30.48
N VAL C 212 3.77 15.15 -29.31
CA VAL C 212 2.35 15.27 -28.99
C VAL C 212 1.92 16.72 -29.05
N ASN C 213 2.67 17.57 -28.39
CA ASN C 213 2.36 18.99 -28.37
C ASN C 213 2.50 19.60 -29.73
N ARG C 214 3.46 19.14 -30.55
CA ARG C 214 3.55 19.66 -31.94
C ARG C 214 2.30 19.34 -32.78
N ALA C 215 1.70 18.17 -32.53
CA ALA C 215 0.49 17.78 -33.23
C ALA C 215 -0.70 18.64 -32.87
N TYR C 216 -0.82 19.03 -31.60
CA TYR C 216 -1.86 19.97 -31.25
C TYR C 216 -1.58 21.33 -31.90
N LEU C 217 -0.32 21.76 -31.88
CA LEU C 217 0.03 23.06 -32.47
C LEU C 217 -0.35 23.07 -33.97
N GLU C 218 -0.04 21.97 -34.68
CA GLU C 218 -0.25 21.90 -36.14
C GLU C 218 -1.72 22.01 -36.52
N ARG C 219 -2.62 21.62 -35.62
CA ARG C 219 -4.05 21.81 -35.80
C ARG C 219 -4.60 23.10 -35.25
N GLY C 220 -3.74 24.06 -34.86
CA GLY C 220 -4.23 25.26 -34.19
C GLY C 220 -4.98 24.98 -32.88
N GLN C 221 -4.66 23.89 -32.16
CA GLN C 221 -5.37 23.63 -30.87
C GLN C 221 -4.51 23.67 -29.59
N LEU C 222 -3.36 24.30 -29.69
CA LEU C 222 -2.40 24.38 -28.59
C LEU C 222 -2.42 25.77 -27.97
N SER C 223 -2.91 25.86 -26.75
CA SER C 223 -2.74 27.05 -25.98
C SER C 223 -1.40 26.97 -25.19
N VAL C 224 -0.62 28.05 -25.34
CA VAL C 224 0.64 28.23 -24.64
C VAL C 224 0.50 29.46 -23.77
N GLU C 225 0.21 29.23 -22.50
CA GLU C 225 0.19 30.34 -21.56
C GLU C 225 1.58 30.52 -20.98
N ILE C 226 1.96 31.76 -20.80
CA ILE C 226 3.15 32.10 -20.06
C ILE C 226 2.95 31.88 -18.57
N MET C 227 3.91 31.21 -17.95
CA MET C 227 4.02 31.17 -16.47
C MET C 227 5.05 32.21 -16.16
N GLY C 228 4.64 33.28 -15.56
CA GLY C 228 5.52 34.43 -15.36
C GLY C 228 6.68 34.17 -14.39
N ARG C 229 7.62 35.13 -14.44
CA ARG C 229 8.76 35.15 -13.64
C ARG C 229 8.48 35.24 -12.13
N GLY C 230 7.33 35.77 -11.76
CA GLY C 230 6.91 35.76 -10.38
C GLY C 230 6.54 34.35 -9.82
N TYR C 231 6.43 33.33 -10.69
CA TYR C 231 6.36 31.96 -10.27
C TYR C 231 7.75 31.31 -10.21
N ALA C 232 7.97 30.45 -9.21
CA ALA C 232 9.08 29.57 -9.17
C ALA C 232 8.76 28.18 -9.75
N TRP C 233 9.50 27.81 -10.81
CA TRP C 233 9.49 26.46 -11.38
C TRP C 233 10.88 25.86 -11.16
N LEU C 234 10.97 25.00 -10.16
CA LEU C 234 12.27 24.47 -9.72
C LEU C 234 12.70 23.14 -10.36
N ASP C 235 14.02 23.06 -10.47
CA ASP C 235 14.74 21.95 -11.03
C ASP C 235 14.98 20.99 -9.92
N THR C 236 14.60 19.75 -10.14
CA THR C 236 14.91 18.63 -9.24
C THR C 236 15.79 17.52 -9.97
N GLY C 237 16.43 17.87 -11.07
CA GLY C 237 17.25 16.93 -11.88
C GLY C 237 18.65 16.53 -11.41
N THR C 238 19.29 17.37 -10.60
CA THR C 238 20.58 17.06 -10.06
C THR C 238 20.57 17.06 -8.53
N HIS C 239 21.64 16.52 -7.96
CA HIS C 239 21.91 16.62 -6.53
C HIS C 239 21.93 18.06 -6.13
N ASP C 240 22.58 18.90 -6.91
CA ASP C 240 22.66 20.35 -6.59
C ASP C 240 21.33 21.05 -6.67
N SER C 241 20.51 20.71 -7.65
CA SER C 241 19.22 21.40 -7.80
C SER C 241 18.19 20.91 -6.73
N LEU C 242 18.20 19.61 -6.40
CA LEU C 242 17.36 19.02 -5.33
C LEU C 242 17.60 19.71 -3.99
N LEU C 243 18.86 19.98 -3.72
CA LEU C 243 19.29 20.71 -2.56
C LEU C 243 18.81 22.18 -2.58
N GLU C 244 18.91 22.83 -3.74
CA GLU C 244 18.38 24.19 -3.94
C GLU C 244 16.86 24.29 -3.68
N ALA C 245 16.14 23.29 -4.19
CA ALA C 245 14.71 23.23 -4.03
C ALA C 245 14.35 23.07 -2.52
N GLY C 246 15.07 22.22 -1.81
CA GLY C 246 14.93 22.08 -0.35
C GLY C 246 15.11 23.41 0.38
N GLN C 247 16.24 24.07 0.18
CA GLN C 247 16.50 25.39 0.75
CA GLN C 247 16.51 25.40 0.76
C GLN C 247 15.40 26.42 0.49
N PHE C 248 14.93 26.41 -0.75
CA PHE C 248 13.93 27.28 -1.21
C PHE C 248 12.55 27.08 -0.47
N ILE C 249 12.08 25.84 -0.37
CA ILE C 249 10.91 25.49 0.32
C ILE C 249 11.07 25.74 1.87
N ALA C 250 12.18 25.30 2.46
CA ALA C 250 12.41 25.54 3.84
C ALA C 250 12.33 27.06 4.13
N THR C 251 12.95 27.90 3.31
CA THR C 251 12.91 29.38 3.57
C THR C 251 11.50 29.95 3.50
N LEU C 252 10.71 29.52 2.53
CA LEU C 252 9.29 29.91 2.52
C LEU C 252 8.52 29.38 3.74
N GLU C 253 8.63 28.10 4.02
CA GLU C 253 7.91 27.48 5.15
C GLU C 253 8.23 28.07 6.55
N ASN C 254 9.49 28.27 6.83
CA ASN C 254 9.93 28.85 8.11
C ASN C 254 9.68 30.35 8.24
N ARG C 255 9.55 31.01 7.12
CA ARG C 255 9.18 32.37 7.17
C ARG C 255 7.66 32.58 7.47
N GLN C 256 6.83 31.73 6.85
CA GLN C 256 5.40 31.86 6.84
C GLN C 256 4.66 31.11 7.99
N GLY C 257 5.31 30.09 8.50
CA GLY C 257 4.65 29.06 9.30
C GLY C 257 3.48 28.45 8.55
N LEU C 258 3.68 28.27 7.25
CA LEU C 258 2.70 27.68 6.33
C LEU C 258 3.46 26.77 5.44
N LYS C 259 2.79 25.75 4.95
CA LYS C 259 3.39 24.74 4.14
C LYS C 259 3.08 24.97 2.66
N VAL C 260 4.04 24.61 1.82
CA VAL C 260 3.84 24.50 0.39
C VAL C 260 3.55 23.00 0.10
N ALA C 261 2.52 22.73 -0.68
CA ALA C 261 2.20 21.39 -1.20
C ALA C 261 2.02 20.33 -0.12
N CYS C 262 1.19 20.70 0.85
CA CYS C 262 0.73 19.80 1.88
C CYS C 262 -0.59 19.27 1.37
N PRO C 263 -0.63 17.99 0.92
CA PRO C 263 -1.85 17.44 0.31
C PRO C 263 -3.10 17.50 1.23
N GLU C 264 -2.92 17.18 2.50
CA GLU C 264 -4.01 17.20 3.47
C GLU C 264 -4.68 18.57 3.56
N GLU C 265 -3.86 19.62 3.59
CA GLU C 265 -4.36 21.01 3.59
C GLU C 265 -5.13 21.32 2.32
N ILE C 266 -4.57 20.93 1.19
CA ILE C 266 -5.23 21.19 -0.11
C ILE C 266 -6.58 20.46 -0.16
N ALA C 267 -6.61 19.19 0.29
CA ALA C 267 -7.90 18.46 0.32
C ALA C 267 -8.95 19.14 1.23
N TYR C 268 -8.51 19.63 2.39
CA TYR C 268 -9.40 20.33 3.34
C TYR C 268 -9.91 21.64 2.80
N ARG C 269 -9.04 22.42 2.17
CA ARG C 269 -9.49 23.70 1.55
C ARG C 269 -10.38 23.52 0.33
N GLN C 270 -10.19 22.41 -0.39
CA GLN C 270 -11.10 22.06 -1.50
C GLN C 270 -12.42 21.43 -1.09
N LYS C 271 -12.58 21.14 0.19
CA LYS C 271 -13.81 20.49 0.73
C LYS C 271 -13.94 19.04 0.26
N TRP C 272 -12.82 18.43 -0.10
CA TRP C 272 -12.78 17.01 -0.44
C TRP C 272 -12.67 16.15 0.82
N ILE C 273 -12.21 16.74 1.91
CA ILE C 273 -12.31 16.14 3.22
C ILE C 273 -12.85 17.18 4.21
N ASP C 274 -13.42 16.73 5.30
CA ASP C 274 -14.01 17.65 6.33
C ASP C 274 -13.11 17.82 7.52
N ALA C 275 -13.51 18.69 8.43
CA ALA C 275 -12.74 18.93 9.68
C ALA C 275 -12.47 17.66 10.50
N ALA C 276 -13.48 16.82 10.67
CA ALA C 276 -13.31 15.56 11.42
C ALA C 276 -12.24 14.63 10.79
N GLN C 277 -12.29 14.50 9.48
CA GLN C 277 -11.30 13.68 8.76
C GLN C 277 -9.88 14.27 8.88
N LEU C 278 -9.74 15.57 8.72
CA LEU C 278 -8.43 16.21 8.88
C LEU C 278 -7.86 15.94 10.28
N GLU C 279 -8.73 15.97 11.29
CA GLU C 279 -8.32 15.69 12.67
C GLU C 279 -7.77 14.28 12.85
N LYS C 280 -8.35 13.33 12.16
CA LYS C 280 -7.87 11.94 12.22
C LYS C 280 -6.48 11.79 11.60
N LEU C 281 -6.25 12.48 10.49
CA LEU C 281 -4.94 12.46 9.81
C LEU C 281 -3.86 13.14 10.62
N ALA C 282 -4.25 14.14 11.41
CA ALA C 282 -3.31 14.82 12.34
C ALA C 282 -2.88 13.95 13.53
N ALA C 283 -3.74 13.04 13.95
CA ALA C 283 -3.48 12.17 15.12
C ALA C 283 -2.15 11.41 15.10
N PRO C 284 -1.91 10.54 14.10
CA PRO C 284 -0.63 9.78 14.10
C PRO C 284 0.62 10.62 13.83
N LEU C 285 0.45 11.88 13.44
CA LEU C 285 1.58 12.81 13.23
C LEU C 285 1.69 13.84 14.34
N ALA C 286 0.96 13.65 15.43
CA ALA C 286 0.80 14.68 16.51
C ALA C 286 2.10 15.11 17.18
N LYS C 287 3.04 14.16 17.30
CA LYS C 287 4.32 14.38 18.01
C LYS C 287 5.37 15.06 17.11
N ASN C 288 5.03 15.40 15.87
CA ASN C 288 5.92 16.23 15.05
C ASN C 288 5.22 17.46 14.47
N GLY C 289 6.04 18.37 13.92
CA GLY C 289 5.60 19.66 13.36
C GLY C 289 4.53 19.56 12.28
N TYR C 290 4.57 18.46 11.50
CA TYR C 290 3.64 18.28 10.39
C TYR C 290 2.23 18.04 10.93
N GLY C 291 2.10 17.12 11.89
CA GLY C 291 0.79 16.84 12.52
C GLY C 291 0.26 18.05 13.27
N GLN C 292 1.14 18.72 14.00
CA GLN C 292 0.79 19.96 14.72
C GLN C 292 0.21 21.00 13.77
N TYR C 293 0.86 21.14 12.62
CA TYR C 293 0.38 22.01 11.54
C TYR C 293 -1.00 21.61 11.03
N LEU C 294 -1.23 20.33 10.76
CA LEU C 294 -2.59 19.89 10.43
C LEU C 294 -3.67 20.27 11.51
N LYS C 295 -3.34 20.03 12.78
CA LYS C 295 -4.21 20.38 13.91
C LYS C 295 -4.46 21.91 13.85
N ARG C 296 -3.39 22.69 13.75
CA ARG C 296 -3.54 24.16 13.72
C ARG C 296 -4.44 24.67 12.57
N LEU C 297 -4.46 23.96 11.45
CA LEU C 297 -5.38 24.26 10.36
C LEU C 297 -6.86 24.12 10.69
N LEU C 298 -7.20 23.36 11.72
CA LEU C 298 -8.61 23.22 12.11
C LEU C 298 -9.13 24.48 12.75
N THR C 299 -8.25 25.25 13.41
CA THR C 299 -8.68 26.43 14.16
C THR C 299 -8.22 27.76 13.62
N GLU C 300 -7.19 27.80 12.77
CA GLU C 300 -6.72 29.10 12.21
C GLU C 300 -7.43 29.46 10.87
N THR C 301 -7.77 30.73 10.71
CA THR C 301 -8.23 31.24 9.42
C THR C 301 -6.96 31.67 8.68
N VAL C 302 -6.81 31.17 7.45
CA VAL C 302 -5.70 31.48 6.59
C VAL C 302 -6.24 31.96 5.26
N TYR C 303 -5.90 33.20 4.91
CA TYR C 303 -6.41 33.81 3.69
C TYR C 303 -5.59 33.35 2.47
N LYS D 12 41.93 -7.01 18.10
CA LYS D 12 40.93 -6.60 17.05
C LYS D 12 39.58 -5.97 17.53
N ARG D 13 39.07 -5.09 16.67
CA ARG D 13 37.98 -4.21 17.01
C ARG D 13 36.84 -4.32 15.99
N LYS D 14 35.65 -4.56 16.51
CA LYS D 14 34.48 -4.64 15.69
C LYS D 14 33.69 -3.37 15.78
N GLY D 15 32.89 -3.14 14.73
CA GLY D 15 32.01 -1.95 14.66
C GLY D 15 30.52 -2.18 14.73
N ILE D 16 29.81 -1.21 15.28
CA ILE D 16 28.34 -1.21 15.31
C ILE D 16 27.90 0.14 14.83
N ILE D 17 27.03 0.14 13.83
CA ILE D 17 26.27 1.33 13.45
C ILE D 17 24.86 1.20 13.98
N LEU D 18 24.46 2.12 14.84
CA LEU D 18 23.09 2.14 15.28
C LEU D 18 22.30 3.08 14.39
N ALA D 19 21.43 2.50 13.57
CA ALA D 19 20.62 3.23 12.60
C ALA D 19 19.19 3.01 12.99
N GLY D 20 18.84 3.56 14.15
CA GLY D 20 17.62 3.30 14.83
C GLY D 20 16.46 4.17 14.44
N GLY D 21 15.36 3.86 15.12
CA GLY D 21 14.02 4.25 14.67
C GLY D 21 13.87 5.71 14.99
N SER D 22 13.61 6.51 13.96
CA SER D 22 13.52 7.94 14.13
C SER D 22 12.08 8.31 14.53
N GLY D 23 11.21 7.33 14.86
CA GLY D 23 9.78 7.59 15.06
C GLY D 23 9.12 8.32 13.89
N THR D 24 8.09 9.10 14.23
CA THR D 24 7.35 9.92 13.29
C THR D 24 7.94 11.36 13.15
N ARG D 25 9.05 11.67 13.81
CA ARG D 25 9.51 13.09 13.94
C ARG D 25 9.84 13.77 12.60
N LEU D 26 10.26 12.97 11.62
CA LEU D 26 10.61 13.45 10.29
C LEU D 26 9.58 13.10 9.22
N HIS D 27 8.42 12.62 9.64
CA HIS D 27 7.33 12.36 8.73
C HIS D 27 6.89 13.69 8.16
N PRO D 28 6.54 13.73 6.87
CA PRO D 28 6.29 12.51 6.05
C PRO D 28 7.48 12.05 5.17
N ALA D 29 8.58 12.80 5.15
CA ALA D 29 9.78 12.41 4.45
C ALA D 29 10.12 10.97 4.74
N THR D 30 10.04 10.61 6.01
CA THR D 30 10.38 9.23 6.46
C THR D 30 9.24 8.19 6.38
N LEU D 31 8.04 8.54 5.94
CA LEU D 31 7.00 7.53 5.67
C LEU D 31 7.46 6.61 4.53
N ALA D 32 8.02 7.22 3.48
CA ALA D 32 8.46 6.51 2.26
C ALA D 32 9.70 5.64 2.49
N ILE D 33 10.63 6.13 3.31
CA ILE D 33 11.84 5.40 3.67
C ILE D 33 12.46 5.89 5.00
N SER D 34 13.14 4.98 5.67
CA SER D 34 13.95 5.30 6.81
C SER D 34 14.99 6.38 6.64
N LYS D 35 15.24 7.05 7.73
CA LYS D 35 16.10 8.20 7.83
C LYS D 35 17.52 8.02 7.32
N GLN D 36 18.15 6.94 7.80
CA GLN D 36 19.58 6.72 7.56
C GLN D 36 19.78 6.23 6.15
N LEU D 37 18.70 6.11 5.36
CA LEU D 37 18.75 6.02 3.85
C LEU D 37 18.52 7.28 3.03
N LEU D 38 18.09 8.32 3.69
CA LEU D 38 17.97 9.62 3.05
C LEU D 38 19.34 10.13 2.68
N PRO D 39 19.45 10.74 1.52
CA PRO D 39 20.77 11.15 1.17
C PRO D 39 21.19 12.46 1.89
N VAL D 40 22.48 12.59 2.10
CA VAL D 40 23.09 13.86 2.48
C VAL D 40 23.85 14.20 1.23
N TYR D 41 23.30 15.14 0.50
CA TYR D 41 23.78 15.52 -0.83
C TYR D 41 23.68 14.38 -1.87
N ASP D 42 24.77 13.72 -2.17
CA ASP D 42 24.82 12.76 -3.26
C ASP D 42 24.79 11.27 -2.82
N LYS D 43 24.89 10.98 -1.53
CA LYS D 43 24.93 9.60 -1.05
C LYS D 43 24.05 9.37 0.20
N PRO D 44 23.66 8.10 0.43
CA PRO D 44 22.84 7.80 1.59
C PRO D 44 23.53 8.13 2.92
N MET D 45 22.74 8.54 3.89
CA MET D 45 23.26 8.94 5.21
C MET D 45 24.20 7.95 5.83
N ILE D 46 23.82 6.66 5.74
CA ILE D 46 24.50 5.58 6.36
C ILE D 46 25.94 5.52 5.88
N TYR D 47 26.22 5.99 4.66
CA TYR D 47 27.58 5.98 4.08
C TYR D 47 28.63 6.75 4.95
N TYR D 48 28.17 7.80 5.61
CA TYR D 48 29.03 8.66 6.46
C TYR D 48 29.57 7.95 7.74
N PRO D 49 28.68 7.39 8.58
CA PRO D 49 29.21 6.65 9.73
C PRO D 49 29.92 5.39 9.31
N LEU D 50 29.46 4.77 8.23
CA LEU D 50 30.13 3.58 7.72
C LEU D 50 31.53 3.92 7.31
N SER D 51 31.67 4.97 6.54
CA SER D 51 32.99 5.48 6.18
C SER D 51 33.88 5.76 7.39
N THR D 52 33.27 6.28 8.44
CA THR D 52 33.99 6.63 9.69
C THR D 52 34.60 5.38 10.30
N LEU D 53 33.80 4.34 10.43
CA LEU D 53 34.29 3.07 10.94
C LEU D 53 35.44 2.54 10.07
N MET D 54 35.28 2.60 8.76
CA MET D 54 36.29 2.12 7.83
C MET D 54 37.60 2.88 8.01
N LEU D 55 37.46 4.16 8.25
CA LEU D 55 38.62 5.02 8.49
C LEU D 55 39.31 4.67 9.83
N ALA D 56 38.54 4.29 10.83
CA ALA D 56 39.11 3.71 12.06
C ALA D 56 39.81 2.34 11.86
N GLY D 57 39.77 1.77 10.66
CA GLY D 57 40.39 0.44 10.37
C GLY D 57 39.44 -0.77 10.63
N ILE D 58 38.14 -0.49 10.90
CA ILE D 58 37.19 -1.54 11.29
C ILE D 58 36.50 -2.10 10.03
N ARG D 59 36.55 -3.40 9.87
CA ARG D 59 35.95 -4.06 8.72
C ARG D 59 34.77 -4.91 9.06
N GLU D 60 34.69 -5.36 10.30
CA GLU D 60 33.58 -6.23 10.76
C GLU D 60 32.59 -5.39 11.49
N ILE D 61 31.43 -5.25 10.91
CA ILE D 61 30.49 -4.23 11.34
C ILE D 61 29.07 -4.75 11.41
N LEU D 62 28.39 -4.48 12.56
CA LEU D 62 26.98 -4.78 12.79
C LEU D 62 26.07 -3.56 12.59
N ILE D 63 25.13 -3.66 11.65
CA ILE D 63 24.14 -2.61 11.39
C ILE D 63 22.88 -2.99 12.13
N ILE D 64 22.53 -2.16 13.11
CA ILE D 64 21.30 -2.32 13.87
C ILE D 64 20.28 -1.29 13.49
N SER D 65 19.08 -1.75 13.14
CA SER D 65 17.98 -0.84 12.75
C SER D 65 16.64 -1.43 13.15
N THR D 66 15.56 -0.71 12.80
CA THR D 66 14.21 -1.14 13.08
C THR D 66 13.90 -2.43 12.35
N PRO D 67 12.83 -3.15 12.76
CA PRO D 67 12.40 -4.28 11.94
C PRO D 67 12.04 -3.89 10.48
N GLN D 68 11.46 -2.73 10.27
CA GLN D 68 11.07 -2.30 8.92
C GLN D 68 12.27 -1.98 8.10
N ASP D 69 13.22 -1.26 8.71
CA ASP D 69 14.36 -0.73 7.97
C ASP D 69 15.55 -1.66 7.81
N THR D 70 15.75 -2.62 8.71
CA THR D 70 16.88 -3.57 8.60
C THR D 70 17.00 -4.28 7.25
N PRO D 71 15.89 -4.85 6.74
CA PRO D 71 15.91 -5.48 5.39
C PRO D 71 16.33 -4.50 4.30
N ARG D 72 15.96 -3.24 4.46
CA ARG D 72 16.34 -2.14 3.51
C ARG D 72 17.85 -1.96 3.47
N PHE D 73 18.45 -1.85 4.63
CA PHE D 73 19.90 -1.61 4.71
C PHE D 73 20.64 -2.81 4.12
N GLN D 74 20.11 -4.03 4.39
CA GLN D 74 20.63 -5.30 3.79
C GLN D 74 20.63 -5.36 2.27
N GLN D 75 19.48 -5.00 1.76
CA GLN D 75 19.24 -4.92 0.36
C GLN D 75 20.17 -3.84 -0.29
N LEU D 76 20.43 -2.70 0.40
CA LEU D 76 21.38 -1.67 -0.10
C LEU D 76 22.84 -2.20 -0.12
N LEU D 77 23.33 -2.64 1.05
CA LEU D 77 24.78 -2.79 1.40
C LEU D 77 25.26 -4.23 1.27
N GLY D 78 24.34 -5.20 1.37
CA GLY D 78 24.65 -6.61 1.30
C GLY D 78 25.51 -7.10 2.47
N ASP D 79 26.38 -8.06 2.18
CA ASP D 79 27.30 -8.55 3.17
C ASP D 79 28.61 -7.71 3.29
N GLY D 80 28.74 -6.69 2.43
CA GLY D 80 29.93 -5.80 2.38
C GLY D 80 31.09 -6.30 1.50
N SER D 81 31.05 -7.58 1.12
CA SER D 81 32.17 -8.24 0.43
C SER D 81 32.67 -7.46 -0.79
N ASN D 82 31.82 -6.73 -1.50
CA ASN D 82 32.30 -5.86 -2.60
C ASN D 82 33.22 -4.70 -2.18
N TRP D 83 33.19 -4.33 -0.90
CA TRP D 83 34.03 -3.27 -0.41
C TRP D 83 35.04 -3.76 0.58
N GLY D 84 35.22 -5.08 0.64
CA GLY D 84 36.23 -5.65 1.53
C GLY D 84 35.82 -5.66 2.99
N LEU D 85 34.51 -5.65 3.22
CA LEU D 85 34.00 -5.62 4.57
C LEU D 85 33.24 -6.91 4.86
N ASP D 86 32.91 -7.07 6.13
CA ASP D 86 32.04 -8.14 6.57
C ASP D 86 30.90 -7.52 7.40
N LEU D 87 29.75 -7.31 6.74
CA LEU D 87 28.60 -6.66 7.38
C LEU D 87 27.61 -7.70 7.81
N GLN D 88 27.16 -7.56 9.06
CA GLN D 88 26.07 -8.34 9.59
C GLN D 88 24.93 -7.42 10.05
N TYR D 89 23.75 -8.01 10.30
CA TYR D 89 22.57 -7.22 10.58
C TYR D 89 21.82 -7.73 11.79
N ALA D 90 21.25 -6.78 12.52
CA ALA D 90 20.39 -7.11 13.64
C ALA D 90 19.31 -6.04 13.82
N VAL D 91 18.28 -6.40 14.53
CA VAL D 91 17.15 -5.56 14.65
C VAL D 91 16.99 -5.02 16.07
N GLN D 92 16.48 -3.79 16.20
CA GLN D 92 16.04 -3.22 17.49
C GLN D 92 14.51 -3.03 17.51
N PRO D 93 13.77 -3.93 18.19
CA PRO D 93 12.28 -3.89 18.11
C PRO D 93 11.66 -2.58 18.56
N SER D 94 12.28 -1.94 19.53
CA SER D 94 11.76 -0.72 20.10
C SER D 94 12.90 0.21 20.45
N PRO D 95 12.76 1.53 20.18
CA PRO D 95 13.89 2.44 20.45
C PRO D 95 14.09 2.69 21.96
N ASP D 96 14.58 1.67 22.67
CA ASP D 96 14.71 1.67 24.14
C ASP D 96 16.08 2.14 24.64
N GLY D 97 16.78 2.93 23.82
CA GLY D 97 18.04 3.57 24.22
C GLY D 97 19.25 3.08 23.46
N LEU D 98 20.22 3.97 23.27
CA LEU D 98 21.39 3.63 22.48
C LEU D 98 22.20 2.44 23.09
N ALA D 99 22.23 2.33 24.44
CA ALA D 99 23.03 1.26 25.14
C ALA D 99 22.55 -0.17 24.86
N GLN D 100 21.28 -0.26 24.48
CA GLN D 100 20.68 -1.51 24.00
C GLN D 100 21.47 -2.18 22.84
N ALA D 101 22.24 -1.37 22.09
CA ALA D 101 23.13 -1.87 21.03
C ALA D 101 24.03 -2.99 21.51
N PHE D 102 24.48 -2.89 22.75
CA PHE D 102 25.43 -3.88 23.32
C PHE D 102 24.77 -5.20 23.76
N LEU D 103 23.49 -5.17 24.09
CA LEU D 103 22.74 -6.39 24.39
C LEU D 103 22.41 -7.11 23.09
N ILE D 104 21.87 -6.36 22.14
CA ILE D 104 21.55 -6.83 20.78
C ILE D 104 22.81 -7.33 20.14
N GLY D 105 23.87 -6.55 20.29
CA GLY D 105 25.15 -6.88 19.67
C GLY D 105 26.04 -7.84 20.44
N GLU D 106 25.53 -8.35 21.55
CA GLU D 106 26.32 -9.21 22.43
C GLU D 106 27.11 -10.29 21.68
N SER D 107 26.40 -11.19 20.99
CA SER D 107 27.08 -12.33 20.41
C SER D 107 28.00 -11.91 19.23
N PHE D 108 27.60 -10.85 18.52
CA PHE D 108 28.48 -10.28 17.47
C PHE D 108 29.82 -9.78 18.04
N ILE D 109 29.78 -9.07 19.17
CA ILE D 109 31.00 -8.55 19.81
C ILE D 109 31.89 -9.67 20.32
N GLY D 110 31.26 -10.68 20.90
CA GLY D 110 31.97 -11.83 21.45
C GLY D 110 32.92 -11.32 22.52
N ASN D 111 34.18 -11.72 22.43
CA ASN D 111 35.17 -11.27 23.39
C ASN D 111 36.10 -10.19 22.82
N ASP D 112 35.67 -9.52 21.76
CA ASP D 112 36.49 -8.49 21.12
C ASP D 112 36.25 -7.09 21.69
N LEU D 113 37.11 -6.17 21.29
CA LEU D 113 36.95 -4.73 21.49
C LEU D 113 35.92 -4.26 20.47
N SER D 114 35.23 -3.19 20.81
CA SER D 114 34.19 -2.67 19.95
C SER D 114 34.30 -1.16 19.64
N ALA D 115 33.49 -0.71 18.68
CA ALA D 115 33.27 0.73 18.45
C ALA D 115 31.83 0.93 18.02
N LEU D 116 31.15 1.90 18.62
CA LEU D 116 29.77 2.29 18.26
C LEU D 116 29.73 3.69 17.64
N VAL D 117 29.02 3.79 16.52
CA VAL D 117 28.82 5.02 15.85
C VAL D 117 27.31 5.23 15.54
N LEU D 118 26.83 6.45 15.69
CA LEU D 118 25.42 6.70 15.45
C LEU D 118 25.21 6.90 13.99
N GLY D 119 24.09 6.34 13.54
CA GLY D 119 23.78 6.24 12.13
C GLY D 119 23.55 7.56 11.43
N ASP D 120 23.29 8.61 12.20
CA ASP D 120 23.04 9.92 11.61
C ASP D 120 24.14 10.97 12.00
N ASN D 121 25.33 10.46 12.36
CA ASN D 121 26.46 11.33 12.76
C ASN D 121 27.44 11.47 11.63
N LEU D 122 27.69 12.71 11.27
CA LEU D 122 28.60 13.06 10.19
C LEU D 122 29.85 13.82 10.70
N TYR D 123 31.05 13.31 10.33
CA TYR D 123 32.30 13.92 10.76
C TYR D 123 33.11 14.30 9.53
N TYR D 124 33.81 15.44 9.64
CA TYR D 124 34.79 15.84 8.64
C TYR D 124 35.95 16.57 9.22
N GLY D 125 37.16 16.23 8.78
CA GLY D 125 38.34 17.14 8.98
C GLY D 125 39.72 16.50 8.80
N HIS D 126 40.78 17.32 9.01
CA HIS D 126 42.16 16.93 8.72
C HIS D 126 42.74 15.98 9.72
N ASP D 127 43.38 14.93 9.21
CA ASP D 127 43.96 13.90 10.08
C ASP D 127 42.88 13.20 10.92
N PHE D 128 41.69 13.04 10.37
CA PHE D 128 40.62 12.33 11.09
C PHE D 128 41.01 10.86 11.30
N HIS D 129 41.64 10.27 10.28
CA HIS D 129 42.23 8.91 10.35
C HIS D 129 43.13 8.73 11.59
N GLU D 130 43.97 9.73 11.85
CA GLU D 130 44.94 9.70 12.99
C GLU D 130 44.24 9.86 14.33
N LEU D 131 43.28 10.75 14.41
CA LEU D 131 42.48 10.92 15.62
C LEU D 131 41.70 9.66 16.08
N LEU D 132 41.15 8.94 15.12
CA LEU D 132 40.51 7.63 15.37
C LEU D 132 41.54 6.54 15.70
N GLY D 133 42.70 6.60 15.05
CA GLY D 133 43.79 5.68 15.28
C GLY D 133 44.16 5.60 16.74
N SER D 134 44.37 6.74 17.36
CA SER D 134 44.76 6.77 18.77
C SER D 134 43.66 6.23 19.67
N ALA D 135 42.41 6.42 19.31
CA ALA D 135 41.33 5.83 20.11
C ALA D 135 41.27 4.30 19.94
N SER D 136 41.31 3.81 18.70
CA SER D 136 41.21 2.36 18.45
C SER D 136 42.40 1.63 19.00
N GLN D 137 43.55 2.33 19.08
CA GLN D 137 44.81 1.76 19.55
C GLN D 137 44.84 1.49 21.08
N ARG D 138 44.10 2.27 21.87
CA ARG D 138 44.00 2.04 23.33
C ARG D 138 43.15 0.78 23.54
N GLN D 139 43.77 -0.28 24.06
CA GLN D 139 43.14 -1.59 24.16
C GLN D 139 42.33 -1.81 25.45
N THR D 140 42.48 -0.94 26.45
CA THR D 140 41.64 -1.00 27.66
C THR D 140 40.90 0.31 27.86
N GLY D 141 39.82 0.21 28.63
CA GLY D 141 38.95 1.32 28.89
C GLY D 141 38.07 1.66 27.72
N ALA D 142 37.49 2.86 27.83
CA ALA D 142 36.66 3.46 26.80
C ALA D 142 37.23 4.79 26.34
N SER D 143 37.04 5.10 25.04
CA SER D 143 37.38 6.41 24.47
C SER D 143 36.19 7.09 23.83
N VAL D 144 35.96 8.36 24.20
CA VAL D 144 34.97 9.21 23.55
C VAL D 144 35.55 10.58 23.19
N PHE D 145 34.75 11.32 22.42
CA PHE D 145 35.17 12.64 21.93
C PHE D 145 34.18 13.68 22.39
N ALA D 146 34.75 14.82 22.82
CA ALA D 146 34.01 15.98 23.22
C ALA D 146 34.22 17.11 22.23
N TYR D 147 33.13 17.78 21.88
CA TYR D 147 33.11 18.82 20.89
C TYR D 147 32.32 20.01 21.38
N HIS D 148 32.91 21.18 21.25
CA HIS D 148 32.22 22.39 21.67
C HIS D 148 30.99 22.68 20.80
N VAL D 149 29.82 22.85 21.39
CA VAL D 149 28.58 23.19 20.64
C VAL D 149 27.79 24.34 21.27
N LEU D 150 26.90 24.92 20.48
CA LEU D 150 25.99 26.01 20.97
C LEU D 150 24.93 25.51 21.95
N ASP D 151 24.51 24.26 21.79
CA ASP D 151 23.29 23.77 22.47
C ASP D 151 23.55 22.46 23.23
N PRO D 152 24.40 22.53 24.25
CA PRO D 152 24.84 21.27 24.87
C PRO D 152 23.72 20.47 25.54
N GLU D 153 22.60 21.16 25.89
CA GLU D 153 21.33 20.53 26.39
C GLU D 153 20.81 19.33 25.61
N ARG D 154 21.16 19.23 24.33
CA ARG D 154 20.62 18.17 23.50
C ARG D 154 21.37 16.88 23.65
N TYR D 155 22.55 16.93 24.27
CA TYR D 155 23.50 15.83 24.29
C TYR D 155 23.95 15.44 25.70
N GLY D 156 24.79 14.40 25.72
CA GLY D 156 25.61 14.09 26.86
C GLY D 156 26.64 15.19 26.98
N VAL D 157 26.74 15.77 28.17
CA VAL D 157 27.64 16.89 28.43
C VAL D 157 28.76 16.43 29.38
N VAL D 158 30.00 16.78 29.03
CA VAL D 158 31.19 16.50 29.82
C VAL D 158 31.57 17.76 30.57
N GLU D 159 31.90 17.61 31.86
CA GLU D 159 32.40 18.70 32.71
C GLU D 159 33.83 18.41 32.98
N PHE D 160 34.67 19.42 32.79
CA PHE D 160 36.09 19.32 33.03
C PHE D 160 36.51 20.15 34.26
N ASP D 161 37.49 19.67 35.02
CA ASP D 161 38.12 20.50 36.08
C ASP D 161 39.12 21.51 35.46
N GLN D 162 39.72 22.35 36.32
CA GLN D 162 40.69 23.35 35.89
C GLN D 162 41.94 22.75 35.21
N GLY D 163 42.27 21.50 35.51
CA GLY D 163 43.35 20.77 34.82
C GLY D 163 42.93 20.08 33.53
N GLY D 164 41.69 20.29 33.09
CA GLY D 164 41.20 19.61 31.89
C GLY D 164 40.83 18.13 32.09
N LYS D 165 40.79 17.64 33.34
CA LYS D 165 40.29 16.29 33.62
C LYS D 165 38.72 16.23 33.63
N ALA D 166 38.20 15.21 32.96
CA ALA D 166 36.77 14.93 32.95
C ALA D 166 36.37 14.41 34.30
N ILE D 167 35.38 15.07 34.90
CA ILE D 167 34.86 14.77 36.25
C ILE D 167 33.35 14.47 36.37
N SER D 168 32.54 14.88 35.39
CA SER D 168 31.13 14.43 35.32
C SER D 168 30.55 14.35 33.91
N LEU D 169 29.52 13.55 33.81
CA LEU D 169 28.77 13.32 32.59
C LEU D 169 27.30 13.41 32.89
N GLU D 170 26.55 14.13 32.07
CA GLU D 170 25.09 14.30 32.25
C GLU D 170 24.39 14.21 30.91
N GLU D 171 23.33 13.41 30.87
CA GLU D 171 22.52 13.24 29.67
C GLU D 171 21.44 14.33 29.58
N LYS D 172 21.56 15.19 28.58
CA LYS D 172 20.57 16.21 28.32
C LYS D 172 20.24 17.05 29.56
N PRO D 173 21.27 17.57 30.25
CA PRO D 173 20.97 18.34 31.45
C PRO D 173 20.26 19.65 31.08
N LEU D 174 19.32 20.10 31.91
CA LEU D 174 18.67 21.42 31.74
C LEU D 174 19.61 22.58 32.00
N GLU D 175 20.62 22.35 32.84
CA GLU D 175 21.64 23.37 33.11
C GLU D 175 23.02 22.76 32.85
N PRO D 176 23.44 22.76 31.56
CA PRO D 176 24.72 22.13 31.23
C PRO D 176 25.88 22.79 31.95
N LYS D 177 26.80 21.94 32.40
CA LYS D 177 27.99 22.41 33.12
C LYS D 177 29.07 22.97 32.19
N SER D 178 29.01 22.62 30.90
CA SER D 178 29.95 23.16 29.95
C SER D 178 29.27 23.08 28.62
N ASN D 179 29.96 23.57 27.62
CA ASN D 179 29.44 23.50 26.25
C ASN D 179 30.06 22.32 25.49
N TYR D 180 30.74 21.41 26.18
CA TYR D 180 31.34 20.23 25.53
C TYR D 180 30.37 19.05 25.46
N ALA D 181 29.98 18.70 24.24
CA ALA D 181 29.07 17.60 23.99
C ALA D 181 29.83 16.35 23.61
N VAL D 182 29.27 15.22 24.03
CA VAL D 182 29.86 13.92 23.67
C VAL D 182 29.38 13.53 22.31
N THR D 183 30.31 13.32 21.39
CA THR D 183 29.88 13.00 20.01
C THR D 183 29.40 11.56 19.90
N GLY D 184 28.81 11.22 18.76
CA GLY D 184 28.16 9.88 18.56
C GLY D 184 29.12 8.84 18.02
N LEU D 185 30.30 8.81 18.61
CA LEU D 185 31.36 7.88 18.24
C LEU D 185 32.01 7.46 19.57
N TYR D 186 31.99 6.14 19.82
CA TYR D 186 32.39 5.55 21.05
C TYR D 186 33.26 4.27 20.81
N PHE D 187 34.40 4.20 21.52
CA PHE D 187 35.30 3.04 21.53
C PHE D 187 35.29 2.42 22.93
N TYR D 188 35.19 1.08 22.96
CA TYR D 188 35.08 0.29 24.21
C TYR D 188 35.97 -0.93 24.21
N ASP D 189 36.40 -1.28 25.42
CA ASP D 189 37.05 -2.60 25.66
C ASP D 189 36.01 -3.73 25.89
N GLN D 190 36.48 -4.88 26.38
CA GLN D 190 35.63 -6.06 26.62
C GLN D 190 34.68 -5.95 27.80
N GLN D 191 34.76 -4.88 28.58
CA GLN D 191 33.85 -4.69 29.71
C GLN D 191 32.44 -4.17 29.37
N VAL D 192 32.23 -3.68 28.15
CA VAL D 192 31.04 -2.89 27.83
C VAL D 192 29.76 -3.72 27.82
N VAL D 193 29.80 -4.94 27.29
CA VAL D 193 28.60 -5.82 27.36
C VAL D 193 28.08 -6.02 28.81
N ASP D 194 28.98 -6.36 29.74
CA ASP D 194 28.63 -6.58 31.15
C ASP D 194 28.15 -5.31 31.88
N ILE D 195 28.79 -4.17 31.62
CA ILE D 195 28.30 -2.85 32.07
C ILE D 195 26.89 -2.58 31.51
N ALA D 196 26.69 -2.91 30.23
CA ALA D 196 25.39 -2.71 29.58
C ALA D 196 24.30 -3.59 30.18
N ARG D 197 24.62 -4.86 30.41
CA ARG D 197 23.65 -5.76 31.07
C ARG D 197 23.15 -5.33 32.45
N ASP D 198 24.03 -4.74 33.27
CA ASP D 198 23.69 -4.22 34.62
C ASP D 198 23.02 -2.84 34.67
N LEU D 199 22.79 -2.18 33.52
CA LEU D 199 22.07 -0.90 33.51
C LEU D 199 20.58 -1.09 33.81
N LYS D 200 20.02 -0.08 34.47
CA LYS D 200 18.59 0.03 34.76
C LYS D 200 18.00 1.18 33.91
N PRO D 201 16.67 1.25 33.71
CA PRO D 201 16.13 2.23 32.75
C PRO D 201 16.68 3.70 32.73
N LEU D 207 17.72 2.85 28.58
CA LEU D 207 19.13 2.42 28.53
C LEU D 207 20.08 3.45 27.87
N GLU D 208 20.65 4.30 28.71
CA GLU D 208 21.42 5.42 28.25
C GLU D 208 22.91 5.09 27.99
N ILE D 209 23.42 5.54 26.83
CA ILE D 209 24.86 5.50 26.54
C ILE D 209 25.66 6.32 27.57
N THR D 210 25.12 7.44 28.07
CA THR D 210 25.81 8.24 29.10
C THR D 210 26.02 7.45 30.42
N ASP D 211 25.09 6.55 30.75
CA ASP D 211 25.28 5.69 31.92
C ASP D 211 26.47 4.75 31.73
N VAL D 212 26.59 4.21 30.53
CA VAL D 212 27.74 3.33 30.18
C VAL D 212 29.03 4.09 30.32
N ASN D 213 29.06 5.27 29.72
CA ASN D 213 30.24 6.11 29.83
C ASN D 213 30.48 6.57 31.27
N ARG D 214 29.42 6.84 32.05
CA ARG D 214 29.63 7.19 33.45
C ARG D 214 30.30 6.06 34.27
N ALA D 215 29.98 4.82 33.92
CA ALA D 215 30.59 3.65 34.58
C ALA D 215 32.06 3.49 34.28
N TYR D 216 32.45 3.79 33.04
CA TYR D 216 33.87 3.83 32.72
C TYR D 216 34.56 5.00 33.48
N LEU D 217 33.92 6.19 33.51
CA LEU D 217 34.50 7.36 34.19
C LEU D 217 34.69 7.06 35.67
N GLU D 218 33.71 6.40 36.30
CA GLU D 218 33.78 6.08 37.74
C GLU D 218 34.95 5.15 38.11
N ARG D 219 35.37 4.31 37.17
CA ARG D 219 36.58 3.49 37.36
C ARG D 219 37.85 4.12 36.84
N GLY D 220 37.84 5.41 36.49
CA GLY D 220 39.02 6.05 35.92
C GLY D 220 39.45 5.46 34.59
N GLN D 221 38.53 4.85 33.84
CA GLN D 221 38.91 4.21 32.55
C GLN D 221 38.29 4.87 31.30
N LEU D 222 37.84 6.12 31.45
CA LEU D 222 37.25 6.89 30.33
C LEU D 222 38.22 7.97 29.82
N SER D 223 38.70 7.75 28.62
CA SER D 223 39.46 8.78 27.93
C SER D 223 38.44 9.67 27.17
N VAL D 224 38.59 10.98 27.40
CA VAL D 224 37.82 12.00 26.73
C VAL D 224 38.78 12.87 25.95
N GLU D 225 38.91 12.58 24.66
CA GLU D 225 39.72 13.42 23.77
C GLU D 225 38.83 14.54 23.25
N ILE D 226 39.40 15.73 23.18
CA ILE D 226 38.78 16.86 22.51
C ILE D 226 38.83 16.65 21.00
N MET D 227 37.69 16.84 20.35
CA MET D 227 37.66 16.93 18.87
C MET D 227 37.60 18.42 18.65
N GLY D 228 38.69 18.97 18.14
CA GLY D 228 38.82 20.42 18.02
C GLY D 228 37.86 21.07 17.01
N ARG D 229 37.80 22.38 17.14
CA ARG D 229 36.97 23.25 16.31
C ARG D 229 37.29 23.23 14.79
N GLY D 230 38.50 22.83 14.46
CA GLY D 230 38.86 22.57 13.09
C GLY D 230 38.20 21.34 12.48
N TYR D 231 37.56 20.49 13.28
CA TYR D 231 36.69 19.38 12.75
C TYR D 231 35.22 19.83 12.70
N ALA D 232 34.51 19.41 11.64
CA ALA D 232 33.11 19.52 11.58
C ALA D 232 32.44 18.26 12.08
N TRP D 233 31.61 18.41 13.13
CA TRP D 233 30.67 17.38 13.59
C TRP D 233 29.24 17.85 13.32
N LEU D 234 28.60 17.24 12.31
CA LEU D 234 27.20 17.44 11.99
C LEU D 234 26.23 16.28 12.32
N ASP D 235 25.12 16.80 12.82
CA ASP D 235 23.92 16.08 13.18
C ASP D 235 22.93 16.17 12.05
N THR D 236 22.43 15.01 11.67
CA THR D 236 21.40 14.91 10.70
C THR D 236 20.05 14.62 11.35
N GLY D 237 19.75 15.18 12.53
CA GLY D 237 18.48 14.86 13.21
C GLY D 237 17.19 15.54 12.73
N THR D 238 17.29 16.72 12.11
CA THR D 238 16.11 17.49 11.69
C THR D 238 16.13 17.67 10.20
N HIS D 239 14.98 18.08 9.66
CA HIS D 239 14.90 18.54 8.31
C HIS D 239 15.88 19.65 8.10
N ASP D 240 15.94 20.60 9.03
CA ASP D 240 16.85 21.75 8.83
C ASP D 240 18.33 21.33 8.86
N SER D 241 18.68 20.42 9.76
CA SER D 241 20.08 20.09 9.94
C SER D 241 20.55 19.17 8.79
N LEU D 242 19.68 18.28 8.30
CA LEU D 242 19.90 17.46 7.13
C LEU D 242 20.22 18.26 5.86
N LEU D 243 19.49 19.32 5.67
CA LEU D 243 19.73 20.28 4.65
C LEU D 243 21.02 21.06 4.78
N GLU D 244 21.33 21.49 6.00
CA GLU D 244 22.65 22.11 6.33
C GLU D 244 23.84 21.20 5.98
N ALA D 245 23.69 19.92 6.32
CA ALA D 245 24.76 18.97 6.12
C ALA D 245 24.98 18.74 4.60
N GLY D 246 23.88 18.65 3.86
CA GLY D 246 23.91 18.54 2.36
C GLY D 246 24.70 19.70 1.77
N GLN D 247 24.29 20.93 2.06
CA GLN D 247 24.99 22.14 1.60
CA GLN D 247 25.01 22.11 1.53
C GLN D 247 26.46 22.11 1.87
N PHE D 248 26.79 21.62 3.07
CA PHE D 248 28.14 21.60 3.58
C PHE D 248 29.02 20.64 2.80
N ILE D 249 28.55 19.42 2.61
CA ILE D 249 29.23 18.43 1.81
C ILE D 249 29.33 18.83 0.33
N ALA D 250 28.24 19.30 -0.23
CA ALA D 250 28.24 19.77 -1.65
C ALA D 250 29.30 20.85 -1.85
N THR D 251 29.39 21.82 -0.95
CA THR D 251 30.41 22.90 -1.05
C THR D 251 31.87 22.33 -1.02
N LEU D 252 32.15 21.38 -0.13
CA LEU D 252 33.45 20.73 -0.11
C LEU D 252 33.71 19.93 -1.42
N GLU D 253 32.77 19.09 -1.82
CA GLU D 253 32.90 18.23 -2.96
C GLU D 253 33.08 19.00 -4.27
N ASN D 254 32.32 20.05 -4.47
CA ASN D 254 32.38 20.86 -5.71
C ASN D 254 33.57 21.78 -5.78
N ARG D 255 34.09 22.10 -4.61
CA ARG D 255 35.34 22.83 -4.56
C ARG D 255 36.55 21.95 -4.95
N GLN D 256 36.60 20.74 -4.40
CA GLN D 256 37.77 19.87 -4.42
C GLN D 256 37.81 18.91 -5.62
N GLY D 257 36.65 18.63 -6.19
CA GLY D 257 36.48 17.50 -7.12
C GLY D 257 36.90 16.23 -6.43
N LEU D 258 36.62 16.13 -5.14
CA LEU D 258 36.89 14.92 -4.34
C LEU D 258 35.66 14.69 -3.50
N LYS D 259 35.47 13.45 -3.09
CA LYS D 259 34.35 13.09 -2.26
C LYS D 259 34.72 12.98 -0.76
N VAL D 260 33.73 13.29 0.08
CA VAL D 260 33.74 12.97 1.46
C VAL D 260 32.92 11.66 1.68
N ALA D 261 33.48 10.70 2.43
CA ALA D 261 32.82 9.46 2.83
C ALA D 261 32.25 8.67 1.61
N CYS D 262 33.13 8.39 0.64
CA CYS D 262 32.89 7.47 -0.43
C CYS D 262 33.49 6.16 0.05
N PRO D 263 32.65 5.16 0.47
CA PRO D 263 33.14 3.90 0.97
C PRO D 263 34.10 3.14 0.02
N GLU D 264 33.78 3.14 -1.27
CA GLU D 264 34.61 2.48 -2.24
C GLU D 264 36.06 3.02 -2.22
N GLU D 265 36.18 4.34 -2.17
CA GLU D 265 37.48 4.99 -2.17
C GLU D 265 38.24 4.60 -0.89
N ILE D 266 37.55 4.65 0.25
CA ILE D 266 38.16 4.31 1.55
C ILE D 266 38.65 2.85 1.50
N ALA D 267 37.83 1.94 0.96
CA ALA D 267 38.25 0.55 0.83
C ALA D 267 39.49 0.39 -0.05
N TYR D 268 39.50 1.12 -1.15
CA TYR D 268 40.65 1.09 -2.10
C TYR D 268 41.93 1.63 -1.48
N ARG D 269 41.82 2.75 -0.77
CA ARG D 269 43.01 3.36 -0.15
C ARG D 269 43.53 2.53 1.02
N GLN D 270 42.63 1.83 1.70
CA GLN D 270 43.03 0.88 2.77
C GLN D 270 43.56 -0.48 2.26
N LYS D 271 43.47 -0.72 0.96
CA LYS D 271 43.94 -1.98 0.31
C LYS D 271 43.05 -3.16 0.70
N TRP D 272 41.81 -2.85 1.06
CA TRP D 272 40.81 -3.89 1.32
C TRP D 272 40.17 -4.36 0.02
N ILE D 273 40.25 -3.53 -1.01
CA ILE D 273 39.92 -3.96 -2.37
C ILE D 273 41.02 -3.48 -3.30
N ASP D 274 41.14 -4.13 -4.45
CA ASP D 274 42.26 -3.83 -5.40
C ASP D 274 41.74 -3.02 -6.57
N ALA D 275 42.66 -2.61 -7.43
CA ALA D 275 42.31 -1.84 -8.62
C ALA D 275 41.26 -2.49 -9.51
N ALA D 276 41.40 -3.79 -9.73
CA ALA D 276 40.43 -4.53 -10.56
C ALA D 276 39.02 -4.48 -9.98
N GLN D 277 38.91 -4.72 -8.68
CA GLN D 277 37.61 -4.71 -7.99
C GLN D 277 36.98 -3.30 -7.99
N LEU D 278 37.78 -2.27 -7.75
CA LEU D 278 37.28 -0.90 -7.86
C LEU D 278 36.72 -0.64 -9.26
N GLU D 279 37.39 -1.14 -10.28
CA GLU D 279 36.94 -0.95 -11.65
C GLU D 279 35.57 -1.57 -11.89
N LYS D 280 35.32 -2.74 -11.30
CA LYS D 280 34.03 -3.41 -11.44
C LYS D 280 32.89 -2.62 -10.81
N LEU D 281 33.17 -2.03 -9.65
CA LEU D 281 32.20 -1.19 -8.93
C LEU D 281 31.89 0.12 -9.65
N ALA D 282 32.88 0.62 -10.41
CA ALA D 282 32.69 1.81 -11.25
C ALA D 282 31.80 1.55 -12.47
N ALA D 283 31.82 0.33 -12.98
CA ALA D 283 31.08 -0.05 -14.20
C ALA D 283 29.57 0.30 -14.21
N PRO D 284 28.77 -0.26 -13.29
CA PRO D 284 27.34 0.10 -13.28
C PRO D 284 26.99 1.56 -12.96
N LEU D 285 27.96 2.34 -12.47
CA LEU D 285 27.77 3.77 -12.17
C LEU D 285 28.41 4.69 -13.22
N ALA D 286 28.88 4.10 -14.34
CA ALA D 286 29.75 4.79 -15.32
C ALA D 286 29.14 6.04 -15.92
N LYS D 287 27.82 6.01 -16.08
CA LYS D 287 27.07 7.08 -16.75
C LYS D 287 26.73 8.25 -15.83
N ASN D 288 27.16 8.20 -14.56
CA ASN D 288 27.03 9.35 -13.67
C ASN D 288 28.36 9.74 -13.04
N GLY D 289 28.36 10.92 -12.41
CA GLY D 289 29.53 11.51 -11.77
C GLY D 289 30.22 10.64 -10.71
N TYR D 290 29.42 9.83 -10.00
CA TYR D 290 29.94 8.97 -8.91
C TYR D 290 30.80 7.81 -9.49
N GLY D 291 30.30 7.11 -10.51
CA GLY D 291 31.09 6.10 -11.22
C GLY D 291 32.32 6.65 -11.92
N GLN D 292 32.16 7.78 -12.60
CA GLN D 292 33.27 8.49 -13.24
C GLN D 292 34.37 8.76 -12.22
N TYR D 293 33.97 9.23 -11.05
CA TYR D 293 34.89 9.48 -9.96
C TYR D 293 35.63 8.22 -9.54
N LEU D 294 34.93 7.11 -9.35
CA LEU D 294 35.60 5.83 -9.03
C LEU D 294 36.64 5.42 -10.11
N LYS D 295 36.25 5.57 -11.37
CA LYS D 295 37.15 5.34 -12.46
C LYS D 295 38.39 6.28 -12.35
N ARG D 296 38.15 7.58 -12.20
CA ARG D 296 39.25 8.54 -12.10
C ARG D 296 40.23 8.21 -10.95
N LEU D 297 39.73 7.60 -9.88
CA LEU D 297 40.59 7.15 -8.76
C LEU D 297 41.59 6.09 -9.14
N LEU D 298 41.36 5.36 -10.23
CA LEU D 298 42.30 4.31 -10.65
C LEU D 298 43.56 4.93 -11.15
N THR D 299 43.46 6.12 -11.75
CA THR D 299 44.59 6.74 -12.46
C THR D 299 45.15 8.01 -11.87
N GLU D 300 44.42 8.66 -10.98
CA GLU D 300 44.93 9.89 -10.32
C GLU D 300 45.66 9.59 -8.99
N THR D 301 46.75 10.30 -8.74
CA THR D 301 47.41 10.29 -7.45
C THR D 301 46.73 11.41 -6.64
N VAL D 302 46.27 11.08 -5.44
CA VAL D 302 45.62 12.02 -4.54
C VAL D 302 46.30 11.92 -3.18
N TYR D 303 46.90 13.05 -2.77
CA TYR D 303 47.67 13.10 -1.54
C TYR D 303 46.75 13.29 -0.35
CAY LD6 E . 0.47 -23.46 18.46
CAZ LD6 E . 1.85 -23.20 18.38
FBB LD6 E . 2.78 -24.18 18.62
CBA LD6 E . 2.31 -21.93 18.03
CAX LD6 E . 1.36 -20.94 17.78
CAW LD6 E . -0.04 -21.18 17.88
CAV LD6 E . -0.52 -22.46 18.19
CAU LD6 E . -1.92 -22.75 18.33
NAQ LD6 E . -2.79 -22.50 17.09
CAR LD6 E . -3.20 -23.48 16.21
NAS LD6 E . -2.84 -24.77 16.32
CAP LD6 E . -3.22 -21.24 16.91
OAO LD6 E . -2.86 -20.38 17.70
NAG LD6 E . -4.01 -20.90 15.80
CAH LD6 E . -4.39 -21.85 14.87
OAA LD6 E . -5.09 -21.53 13.91
CAI LD6 E . -3.99 -23.16 15.06
NAJ LD6 E . -4.42 -24.11 14.19
CAB LD6 E . -5.85 -24.58 14.33
SAK LD6 E . -3.47 -24.72 13.03
OAT LD6 E . -2.15 -25.11 13.74
OAC LD6 E . -4.08 -26.00 12.41
CAL LD6 E . -3.31 -23.51 11.80
CAM LD6 E . -4.07 -23.55 10.64
CAN LD6 E . -3.91 -22.60 9.65
CAF LD6 E . -2.98 -21.61 9.80
CAE LD6 E . -2.21 -21.56 10.96
CAD LD6 E . -2.38 -22.50 11.97
O1 MES F . 5.85 -42.10 2.67
C2 MES F . 5.87 -41.72 1.31
C3 MES F . 6.81 -40.53 1.00
N4 MES F . 7.98 -40.25 1.89
C5 MES F . 7.88 -40.94 3.21
C6 MES F . 7.17 -42.29 3.15
C7 MES F . 9.37 -40.41 1.30
C8 MES F . 9.52 -39.60 0.00
S MES F . 10.99 -38.90 -0.41
O1S MES F . 12.15 -39.72 0.02
O2S MES F . 11.15 -37.55 0.13
O3S MES F . 10.97 -38.93 -1.93
CL CL G . -3.69 -29.53 17.98
CL CL H . -41.60 -18.15 -10.29
CAY LD6 I . -39.02 -12.56 -14.74
CAZ LD6 I . -39.32 -11.27 -15.26
FBB LD6 I . -40.32 -10.91 -15.18
CBA LD6 I . -38.39 -10.45 -15.84
CAX LD6 I . -37.10 -10.92 -15.92
CAW LD6 I . -36.76 -12.19 -15.44
CAV LD6 I . -37.70 -13.01 -14.82
CAU LD6 I . -37.41 -14.28 -14.36
NAQ LD6 I . -36.37 -14.33 -13.26
CAR LD6 I . -36.68 -14.60 -11.96
NAS LD6 I . -37.94 -14.81 -11.52
CAP LD6 I . -35.10 -14.11 -13.60
OAO LD6 I . -34.81 -13.91 -14.77
NAG LD6 I . -34.07 -14.11 -12.66
CAH LD6 I . -34.34 -14.40 -11.33
OAA LD6 I . -33.45 -14.41 -10.49
CAI LD6 I . -35.67 -14.62 -10.98
NAJ LD6 I . -35.91 -14.93 -9.67
CAB LD6 I . -35.45 -16.30 -9.24
SAK LD6 I . -36.55 -13.76 -8.65
OAT LD6 I . -37.67 -13.16 -9.40
OAC LD6 I . -36.98 -14.30 -7.28
CAL LD6 I . -35.35 -12.54 -8.33
CAM LD6 I . -34.46 -12.72 -7.27
CAN LD6 I . -33.51 -11.75 -6.99
CAF LD6 I . -33.45 -10.60 -7.75
CAE LD6 I . -34.35 -10.42 -8.80
CAD LD6 I . -35.28 -11.40 -9.10
O1 MES J . -52.72 -8.67 5.90
C2 MES J . -53.75 -8.11 5.05
C3 MES J . -53.21 -6.84 4.36
N4 MES J . -52.85 -5.85 5.40
C5 MES J . -51.75 -6.43 6.22
C6 MES J . -52.16 -7.77 6.87
C7 MES J . -52.54 -4.54 4.74
C8 MES J . -51.96 -3.54 5.77
S MES J . -52.17 -1.91 5.55
O1S MES J . -51.90 -1.29 6.87
O2S MES J . -53.60 -1.71 5.19
O3S MES J . -51.31 -1.33 4.47
CL CL K . -1.27 33.54 -2.95
CAY LD6 L . -5.67 27.62 -2.55
CAZ LD6 L . -6.70 26.95 -3.25
FBB LD6 L . -7.38 27.50 -4.19
CBA LD6 L . -7.00 25.63 -2.97
CAX LD6 L . -6.31 24.97 -1.97
CAW LD6 L . -5.31 25.64 -1.31
CAV LD6 L . -4.94 26.97 -1.57
CAU LD6 L . -3.91 27.60 -0.83
NAQ LD6 L . -2.55 26.96 -1.01
CAR LD6 L . -1.56 27.48 -1.85
NAS LD6 L . -1.74 28.58 -2.59
CAP LD6 L . -2.26 25.86 -0.29
OAO LD6 L . -3.08 25.42 0.48
NAG LD6 L . -1.01 25.21 -0.37
CAH LD6 L . -0.06 25.65 -1.25
OAA LD6 L . 1.01 25.06 -1.33
CAI LD6 L . -0.32 26.80 -2.02
NAJ LD6 L . 0.71 27.30 -2.78
CAB LD6 L . 1.75 28.03 -2.02
SAK LD6 L . 0.93 26.95 -4.37
OAT LD6 L . -0.41 27.31 -5.05
OAC LD6 L . 2.05 27.82 -5.02
CAL LD6 L . 1.22 25.34 -4.64
CAM LD6 L . 2.47 24.90 -4.93
CAN LD6 L . 2.70 23.55 -5.20
CAF LD6 L . 1.66 22.65 -5.18
CAE LD6 L . 0.38 23.10 -4.87
CAD LD6 L . 0.17 24.44 -4.59
O1 MES M . 1.79 36.25 -24.26
C2 MES M . 0.43 36.26 -24.68
C3 MES M . 0.03 34.81 -24.90
N4 MES M . 0.92 34.17 -25.91
C5 MES M . 2.30 34.17 -25.36
C6 MES M . 2.73 35.61 -25.13
C7 MES M . 0.43 32.78 -26.24
C8 MES M . -0.28 32.68 -27.60
S MES M . -0.69 31.15 -28.15
O1S MES M . 0.46 30.48 -28.79
O2S MES M . -1.66 31.48 -29.23
O3S MES M . -1.36 30.29 -27.14
CL CL N . 43.55 16.08 5.50
CAY LD6 O . 42.69 8.98 4.29
CAZ LD6 O . 43.15 7.92 5.10
FBB LD6 O . 43.99 8.23 5.92
CBA LD6 O . 42.70 6.60 4.98
CAX LD6 O . 41.76 6.33 4.01
CAW LD6 O . 41.28 7.39 3.20
CAV LD6 O . 41.73 8.75 3.32
CAU LD6 O . 41.31 9.82 2.50
NAQ LD6 O . 39.91 10.35 2.78
CAR LD6 O . 39.60 11.43 3.60
NAS LD6 O . 40.53 12.15 4.29
CAP LD6 O . 38.95 9.69 2.14
OAO LD6 O . 39.31 8.80 1.42
NAG LD6 O . 37.59 10.01 2.25
CAH LD6 O . 37.22 11.11 3.09
OAA LD6 O . 36.01 11.41 3.20
CAI LD6 O . 38.24 11.81 3.78
NAJ LD6 O . 37.84 12.85 4.58
CAB LD6 O . 37.53 14.15 3.94
SAK LD6 O . 37.59 12.59 6.30
OAT LD6 O . 38.80 11.86 6.81
OAC LD6 O . 37.34 13.89 7.10
CAL LD6 O . 36.16 11.48 6.46
CAM LD6 O . 34.90 11.98 6.38
CAN LD6 O . 33.83 11.14 6.53
CAF LD6 O . 34.01 9.78 6.74
CAE LD6 O . 35.28 9.27 6.81
CAD LD6 O . 36.35 10.13 6.64
O1 MES P . 42.65 18.55 27.14
C2 MES P . 41.22 18.44 27.20
C3 MES P . 40.81 17.60 28.40
N4 MES P . 41.42 16.24 28.31
C5 MES P . 42.89 16.36 28.20
C6 MES P . 43.27 17.27 27.02
C7 MES P . 41.06 15.40 29.48
C8 MES P . 41.34 13.93 29.25
S MES P . 40.54 12.95 30.34
O1S MES P . 40.20 11.69 29.66
O2S MES P . 39.27 13.53 30.83
O3S MES P . 41.44 12.71 31.50
#